data_4Z4F
#
_entry.id   4Z4F
#
_cell.length_a   55.859
_cell.length_b   116.591
_cell.length_c   70.375
_cell.angle_alpha   90.00
_cell.angle_beta   92.52
_cell.angle_gamma   90.00
#
_symmetry.space_group_name_H-M   'P 1 21 1'
#
loop_
_entity.id
_entity.type
_entity.pdbx_description
1 polymer 'Protein argonaute-2'
2 polymer "RNA (5'-R(P*UP*UP*CP*AP*CP*AP*UP*UP*GP*CP*CP*CP*AP*AP*GP*UP*UP*U)-3')"
3 polymer "RNA (5'-R(*CP*AP*AP*UP*GP*UP*GP*AP*(N6G)P*A)-3')"
4 non-polymer 'MAGNESIUM ION'
5 non-polymer PHENOL
6 water water
#
loop_
_entity_poly.entity_id
_entity_poly.type
_entity_poly.pdbx_seq_one_letter_code
_entity_poly.pdbx_strand_id
1 'polypeptide(L)'
;MYSGAGPALAPPAPPPPIQGYAFKPPPRPDFGTSGRTIKLQANFFEMDIPKIDIYHYELDIKPEKCPRRVNREIVEHMVQ
HFKTQIFGDRKPVFDGRKNLYTAMPLPIGRDKVELEVTLPGEGKDRIFKVSIKWVSCVSLQALHDALSGRLPSVPFETIQ
ALDVVMRHLPSMRYTPVGRSFFTASEGCSNPLGGGREVWFGFHQSVRPSLWKMMLNIDVSATAFYKAQPVIEFVCEVLDF
KSIEEQQKPLTDSQRVKFTKEIKGLKVEITHCGQMKRKYRVCNVTRRPASHQTFPLQQESGQTVECTVAQYFKDRHKLVL
RYPHLPCLQVGQEQKHTYLPLEVCNIVAGQRCIKKLTDNQTSTMIRATARSAPDRQEEISKLMRSADFNTDPYVREFGIM
VKDEMTDVTGRVLQPPSILYGGRNKAIATPVQGVWDMRNKQFHTGIEIKVWAIACFAPQRQCTEVHLKSFTEQLRKISRD
AGMPIQGQPCFCKYAQGADSVEPMFRHLKNTYAGLQLVVVILPGKTPVYAEVKRVGDTVLGMATQCVQMKNVQRTTPQTL
SNLCLKINVKLGGVNNILLPQGRPPVFQQPVIFLGADVTHPPAGDGKKPSIAAVVGSMDAHPNRYCATVRVQQHRQEIIQ
DLAAMVRELLIQFYKSTRFKPTRIIFYRDGVSEGQFQQVLHHELLAIREACIKLEKDYQPGITFIVVQKRHHTRLFCTDK
NERVGKSGNIPAGTTVDTKITHPTEFDFYLCSHAGIQGTSRPSHYHVLWDDNRFSSDELQILTYQLCHTYVRCTRSVSIP
APAYYAHLVAFRARYHLVDKEHDSAEGSHTSGQSNGRDHQALAKAVQVHQDTLRTMYFA
;
A
2 'polyribonucleotide' UUCACAUUGCCCAAGUCUCUU B
3 'polyribonucleotide' CAAUGUGA(N6G)AA D
#
# COMPACT_ATOMS: atom_id res chain seq x y z
N ALA A 22 -16.43 20.84 8.77
CA ALA A 22 -16.22 19.43 9.06
C ALA A 22 -17.46 18.60 8.68
N PHE A 23 -17.98 18.85 7.49
CA PHE A 23 -19.17 18.17 6.99
C PHE A 23 -18.84 17.52 5.65
N LYS A 24 -19.84 17.25 4.82
CA LYS A 24 -19.59 16.53 3.57
C LYS A 24 -18.64 17.36 2.68
N PRO A 25 -17.92 16.69 1.77
CA PRO A 25 -16.90 17.36 0.95
C PRO A 25 -17.48 18.45 0.06
N PRO A 26 -16.63 19.39 -0.39
CA PRO A 26 -17.09 20.42 -1.33
C PRO A 26 -17.42 19.85 -2.70
N PRO A 27 -18.25 20.55 -3.49
CA PRO A 27 -18.53 20.13 -4.86
C PRO A 27 -17.38 20.44 -5.81
N ARG A 28 -17.36 19.80 -6.96
CA ARG A 28 -16.39 20.13 -7.99
C ARG A 28 -16.63 21.57 -8.44
N PRO A 29 -15.64 22.46 -8.26
CA PRO A 29 -15.85 23.87 -8.60
C PRO A 29 -15.93 24.15 -10.10
N ASP A 30 -15.19 23.36 -10.88
CA ASP A 30 -15.09 23.55 -12.31
C ASP A 30 -14.21 22.46 -12.88
N PHE A 31 -13.99 22.48 -14.19
CA PHE A 31 -13.10 21.52 -14.83
C PHE A 31 -11.84 22.23 -15.30
N GLY A 32 -10.71 21.53 -15.15
CA GLY A 32 -9.44 22.05 -15.60
C GLY A 32 -9.44 22.37 -17.08
N THR A 33 -8.59 23.32 -17.47
CA THR A 33 -8.49 23.75 -18.86
C THR A 33 -7.03 23.79 -19.30
N SER A 34 -6.13 23.68 -18.33
CA SER A 34 -4.70 23.80 -18.58
C SER A 34 -4.14 22.52 -19.20
N GLY A 35 -3.30 22.69 -20.23
CA GLY A 35 -2.56 21.59 -20.80
C GLY A 35 -3.10 21.08 -22.12
N ARG A 36 -2.25 20.39 -22.87
CA ARG A 36 -2.64 19.79 -24.14
C ARG A 36 -3.38 18.49 -23.88
N THR A 37 -4.23 18.09 -24.82
CA THR A 37 -5.06 16.91 -24.63
C THR A 37 -4.37 15.64 -25.11
N ILE A 38 -4.75 14.52 -24.51
CA ILE A 38 -4.25 13.21 -24.87
C ILE A 38 -5.37 12.20 -24.76
N LYS A 39 -5.44 11.28 -25.73
CA LYS A 39 -6.48 10.26 -25.74
C LYS A 39 -6.08 9.10 -24.84
N LEU A 40 -6.98 8.75 -23.92
CA LEU A 40 -6.70 7.72 -22.94
C LEU A 40 -7.81 6.69 -22.86
N GLN A 41 -7.43 5.45 -22.52
CA GLN A 41 -8.37 4.41 -22.17
C GLN A 41 -8.17 4.04 -20.71
N ALA A 42 -9.27 3.73 -20.04
CA ALA A 42 -9.23 3.41 -18.62
C ALA A 42 -9.94 2.09 -18.40
N ASN A 43 -9.47 1.31 -17.44
CA ASN A 43 -10.06 0.02 -17.15
C ASN A 43 -11.39 0.14 -16.39
N PHE A 44 -12.23 1.06 -16.84
CA PHE A 44 -13.61 1.20 -16.37
C PHE A 44 -14.50 0.76 -17.54
N PHE A 45 -15.47 -0.09 -17.25
CA PHE A 45 -16.40 -0.58 -18.27
C PHE A 45 -17.81 -0.13 -17.94
N GLU A 46 -18.43 0.57 -18.88
CA GLU A 46 -19.70 1.25 -18.63
C GLU A 46 -20.85 0.28 -18.39
N MET A 47 -21.74 0.64 -17.48
CA MET A 47 -22.89 -0.19 -17.12
C MET A 47 -24.21 0.48 -17.48
N ASP A 48 -25.09 -0.28 -18.13
CA ASP A 48 -26.45 0.15 -18.38
C ASP A 48 -27.37 -0.48 -17.33
N ILE A 49 -27.92 0.35 -16.46
CA ILE A 49 -28.75 -0.12 -15.36
C ILE A 49 -30.22 0.21 -15.61
N PRO A 50 -31.14 -0.74 -15.37
CA PRO A 50 -32.56 -0.44 -15.59
C PRO A 50 -33.12 0.60 -14.62
N LYS A 51 -34.28 1.17 -14.96
CA LYS A 51 -34.95 2.17 -14.14
C LYS A 51 -36.09 1.56 -13.32
N ILE A 52 -35.75 0.57 -12.49
CA ILE A 52 -36.73 -0.22 -11.75
C ILE A 52 -36.45 -0.20 -10.25
N ASP A 53 -37.43 -0.65 -9.46
CA ASP A 53 -37.22 -0.84 -8.03
C ASP A 53 -36.86 -2.30 -7.76
N ILE A 54 -35.98 -2.52 -6.79
CA ILE A 54 -35.61 -3.88 -6.39
C ILE A 54 -35.59 -3.98 -4.86
N TYR A 55 -35.61 -5.21 -4.36
CA TYR A 55 -36.10 -5.49 -3.01
C TYR A 55 -35.05 -6.10 -2.08
N HIS A 56 -34.75 -5.38 -1.01
CA HIS A 56 -33.74 -5.77 -0.03
C HIS A 56 -34.40 -6.58 1.08
N TYR A 57 -33.80 -7.74 1.41
CA TYR A 57 -34.26 -8.59 2.50
C TYR A 57 -33.17 -8.84 3.53
N GLU A 58 -33.56 -8.89 4.80
CA GLU A 58 -32.63 -9.17 5.88
C GLU A 58 -32.73 -10.64 6.31
N LEU A 59 -31.65 -11.38 6.10
CA LEU A 59 -31.58 -12.78 6.49
C LEU A 59 -30.86 -12.95 7.82
N ASP A 60 -31.17 -14.03 8.53
CA ASP A 60 -30.40 -14.42 9.70
C ASP A 60 -30.38 -15.93 9.81
N ILE A 61 -29.18 -16.49 9.70
CA ILE A 61 -28.98 -17.93 9.75
C ILE A 61 -28.42 -18.33 11.11
N LYS A 62 -29.11 -19.24 11.79
CA LYS A 62 -28.65 -19.76 13.08
C LYS A 62 -28.18 -21.20 12.94
N PRO A 63 -26.87 -21.45 13.17
CA PRO A 63 -25.85 -20.57 13.75
C PRO A 63 -25.34 -19.50 12.78
N CYS A 66 -20.65 -18.95 11.28
CA CYS A 66 -20.37 -19.65 10.04
C CYS A 66 -19.53 -18.80 9.08
N PRO A 67 -18.56 -19.43 8.40
CA PRO A 67 -17.85 -18.70 7.34
C PRO A 67 -18.82 -18.15 6.29
N ARG A 68 -18.39 -17.11 5.59
CA ARG A 68 -19.24 -16.44 4.61
C ARG A 68 -19.63 -17.38 3.47
N ARG A 69 -18.67 -18.19 3.02
CA ARG A 69 -18.91 -19.11 1.91
C ARG A 69 -19.89 -20.21 2.34
N VAL A 70 -19.92 -20.53 3.63
CA VAL A 70 -20.87 -21.52 4.15
C VAL A 70 -22.28 -20.94 4.10
N ASN A 71 -22.41 -19.67 4.43
CA ASN A 71 -23.70 -19.01 4.40
C ASN A 71 -24.22 -18.83 2.98
N ARG A 72 -23.33 -18.48 2.05
CA ARG A 72 -23.69 -18.41 0.64
C ARG A 72 -24.25 -19.75 0.18
N GLU A 73 -23.65 -20.83 0.68
CA GLU A 73 -24.07 -22.19 0.32
C GLU A 73 -25.44 -22.52 0.87
N ILE A 74 -25.69 -22.10 2.11
CA ILE A 74 -26.96 -22.34 2.75
C ILE A 74 -28.09 -21.74 1.95
N VAL A 75 -27.90 -20.52 1.46
CA VAL A 75 -28.94 -19.83 0.71
C VAL A 75 -29.13 -20.41 -0.70
N GLU A 76 -28.03 -20.77 -1.37
CA GLU A 76 -28.13 -21.27 -2.74
C GLU A 76 -28.86 -22.62 -2.77
N HIS A 77 -28.65 -23.44 -1.73
CA HIS A 77 -29.38 -24.68 -1.60
C HIS A 77 -30.80 -24.41 -1.12
N MET A 78 -30.95 -23.39 -0.28
CA MET A 78 -32.24 -23.04 0.30
C MET A 78 -33.19 -22.49 -0.77
N VAL A 79 -32.65 -21.73 -1.72
CA VAL A 79 -33.48 -21.12 -2.75
C VAL A 79 -34.02 -22.18 -3.73
N GLN A 80 -33.19 -23.18 -4.02
CA GLN A 80 -33.61 -24.30 -4.87
C GLN A 80 -34.67 -25.14 -4.17
N HIS A 81 -34.65 -25.11 -2.84
CA HIS A 81 -35.52 -25.97 -2.03
C HIS A 81 -36.88 -25.31 -1.79
N PHE A 82 -36.91 -23.99 -1.61
CA PHE A 82 -38.18 -23.28 -1.42
C PHE A 82 -38.57 -22.53 -2.70
N LYS A 83 -38.13 -23.05 -3.84
CA LYS A 83 -38.44 -22.48 -5.15
C LYS A 83 -39.94 -22.28 -5.34
N THR A 84 -40.68 -23.38 -5.30
CA THR A 84 -42.11 -23.37 -5.60
C THR A 84 -42.91 -22.56 -4.58
N GLN A 85 -42.53 -22.67 -3.32
CA GLN A 85 -43.28 -22.03 -2.24
C GLN A 85 -43.08 -20.51 -2.25
N ILE A 86 -41.83 -20.07 -2.43
CA ILE A 86 -41.50 -18.66 -2.26
C ILE A 86 -40.89 -18.05 -3.53
N PHE A 87 -39.68 -18.49 -3.89
CA PHE A 87 -38.93 -17.87 -4.97
C PHE A 87 -39.29 -18.41 -6.36
N GLY A 88 -40.28 -17.80 -7.00
CA GLY A 88 -40.77 -18.28 -8.29
C GLY A 88 -40.02 -17.74 -9.49
N ASP A 89 -39.17 -18.58 -10.08
CA ASP A 89 -38.36 -18.20 -11.25
C ASP A 89 -37.46 -17.00 -10.95
N ARG A 90 -37.20 -16.77 -9.66
CA ARG A 90 -36.38 -15.63 -9.25
C ARG A 90 -34.91 -16.03 -9.12
N LYS A 91 -34.03 -15.03 -9.24
CA LYS A 91 -32.59 -15.24 -9.08
C LYS A 91 -32.06 -14.33 -7.97
N PRO A 92 -32.24 -14.72 -6.70
CA PRO A 92 -31.80 -13.86 -5.60
C PRO A 92 -30.28 -13.82 -5.47
N VAL A 93 -29.73 -12.62 -5.25
CA VAL A 93 -28.31 -12.47 -4.97
C VAL A 93 -28.11 -12.26 -3.48
N PHE A 94 -26.98 -12.71 -2.96
CA PHE A 94 -26.74 -12.80 -1.53
C PHE A 94 -25.32 -12.34 -1.20
N ASP A 95 -25.20 -11.34 -0.33
CA ASP A 95 -23.92 -10.70 -0.07
C ASP A 95 -23.03 -11.52 0.86
N GLY A 96 -23.52 -12.67 1.32
CA GLY A 96 -22.72 -13.61 2.09
C GLY A 96 -23.04 -13.66 3.57
N ARG A 97 -23.83 -12.70 4.05
CA ARG A 97 -24.16 -12.62 5.47
C ARG A 97 -25.65 -12.44 5.70
N LYS A 98 -26.14 -11.21 5.53
CA LYS A 98 -27.55 -10.92 5.80
C LYS A 98 -28.09 -9.79 4.94
N ASN A 99 -27.86 -9.88 3.64
CA ASN A 99 -28.50 -8.99 2.67
C ASN A 99 -28.84 -9.75 1.39
N LEU A 100 -30.12 -9.74 1.04
CA LEU A 100 -30.63 -10.49 -0.10
C LEU A 100 -31.41 -9.56 -1.02
N TYR A 101 -31.18 -9.68 -2.32
CA TYR A 101 -31.80 -8.79 -3.30
C TYR A 101 -32.46 -9.57 -4.43
N THR A 102 -33.66 -9.14 -4.81
CA THR A 102 -34.39 -9.73 -5.93
C THR A 102 -34.88 -8.64 -6.89
N ALA A 103 -34.98 -8.98 -8.16
CA ALA A 103 -35.40 -8.02 -9.18
C ALA A 103 -36.90 -7.77 -9.12
N MET A 104 -37.66 -8.81 -8.75
CA MET A 104 -39.10 -8.71 -8.55
C MET A 104 -39.43 -9.15 -7.12
N PRO A 105 -40.48 -8.62 -6.53
CA PRO A 105 -40.73 -8.89 -5.10
C PRO A 105 -41.09 -10.33 -4.83
N LEU A 106 -40.72 -10.82 -3.65
CA LEU A 106 -40.98 -12.18 -3.22
C LEU A 106 -42.40 -12.30 -2.66
N PRO A 107 -43.16 -13.32 -3.11
CA PRO A 107 -44.55 -13.48 -2.68
C PRO A 107 -44.68 -13.85 -1.21
N ILE A 108 -44.28 -12.93 -0.34
CA ILE A 108 -44.48 -13.05 1.09
C ILE A 108 -44.88 -11.71 1.70
N GLY A 109 -44.57 -10.63 0.99
CA GLY A 109 -45.01 -9.31 1.38
C GLY A 109 -44.15 -8.67 2.46
N ARG A 110 -44.79 -8.24 3.54
CA ARG A 110 -44.13 -7.42 4.55
C ARG A 110 -43.68 -8.17 5.79
N ASP A 111 -44.01 -9.46 5.88
CA ASP A 111 -43.91 -10.18 7.15
C ASP A 111 -42.81 -11.25 7.25
N LYS A 112 -42.59 -11.68 8.49
CA LYS A 112 -41.61 -12.70 8.85
C LYS A 112 -41.83 -14.08 8.25
N VAL A 113 -40.73 -14.80 8.03
CA VAL A 113 -40.74 -16.21 7.70
C VAL A 113 -39.51 -16.87 8.30
N GLU A 114 -39.71 -18.02 8.94
CA GLU A 114 -38.60 -18.82 9.45
C GLU A 114 -38.52 -20.16 8.70
N LEU A 115 -37.53 -20.27 7.82
CA LEU A 115 -37.30 -21.48 7.05
C LEU A 115 -36.15 -22.30 7.65
N GLU A 116 -35.96 -23.51 7.16
CA GLU A 116 -34.78 -24.28 7.51
C GLU A 116 -34.36 -25.25 6.41
N VAL A 117 -33.06 -25.52 6.35
CA VAL A 117 -32.44 -26.22 5.22
C VAL A 117 -31.59 -27.38 5.70
N THR A 118 -31.25 -28.28 4.78
CA THR A 118 -30.47 -29.46 5.10
C THR A 118 -29.02 -29.35 4.64
N LEU A 119 -28.11 -29.90 5.43
CA LEU A 119 -26.69 -30.00 5.08
C LEU A 119 -26.32 -31.32 4.39
N PRO A 120 -25.81 -31.24 3.14
CA PRO A 120 -25.07 -32.38 2.57
C PRO A 120 -23.59 -32.10 2.42
N ILE A 127 -29.73 -28.41 8.99
CA ILE A 127 -29.26 -28.06 10.32
C ILE A 127 -29.46 -26.56 10.58
N PHE A 128 -29.79 -25.83 9.54
CA PHE A 128 -29.85 -24.37 9.61
C PHE A 128 -31.26 -23.82 9.63
N LYS A 129 -31.56 -22.97 10.61
CA LYS A 129 -32.77 -22.15 10.59
C LYS A 129 -32.39 -20.79 10.00
N VAL A 130 -33.13 -20.35 8.98
CA VAL A 130 -32.87 -19.05 8.36
C VAL A 130 -34.10 -18.14 8.30
N SER A 131 -33.93 -16.88 8.67
CA SER A 131 -35.02 -15.93 8.76
C SER A 131 -35.02 -14.91 7.64
N ILE A 132 -36.12 -14.81 6.90
CA ILE A 132 -36.19 -13.87 5.80
C ILE A 132 -37.29 -12.85 6.00
N LYS A 133 -36.98 -11.57 5.91
CA LYS A 133 -37.97 -10.55 6.19
C LYS A 133 -38.34 -9.69 5.02
N TRP A 134 -37.39 -8.86 4.59
CA TRP A 134 -37.61 -7.80 3.63
C TRP A 134 -37.86 -6.49 4.29
N VAL A 135 -36.75 -5.83 4.63
CA VAL A 135 -36.70 -4.44 5.06
C VAL A 135 -36.95 -3.31 4.08
N SER A 136 -36.41 -3.37 2.88
CA SER A 136 -36.33 -2.19 2.04
C SER A 136 -36.62 -2.40 0.60
N CYS A 137 -36.95 -1.33 -0.09
CA CYS A 137 -36.95 -1.34 -1.54
C CYS A 137 -35.91 -0.35 -2.07
N VAL A 138 -34.95 -0.87 -2.83
CA VAL A 138 -33.90 -0.09 -3.49
C VAL A 138 -34.44 0.52 -4.79
N SER A 139 -34.46 1.84 -4.84
CA SER A 139 -35.15 2.58 -5.91
C SER A 139 -34.43 2.54 -7.26
N LEU A 140 -33.12 2.54 -7.26
CA LEU A 140 -32.39 2.41 -8.51
C LEU A 140 -32.50 3.67 -9.36
N GLN A 141 -33.72 4.06 -9.71
CA GLN A 141 -33.93 5.24 -10.54
C GLN A 141 -33.46 6.50 -9.80
N ALA A 142 -33.39 6.40 -8.47
CA ALA A 142 -32.81 7.45 -7.66
C ALA A 142 -31.31 7.57 -7.91
N LEU A 143 -30.68 6.49 -8.37
CA LEU A 143 -29.26 6.50 -8.70
C LEU A 143 -28.99 7.30 -9.98
N HIS A 144 -29.81 7.10 -11.01
CA HIS A 144 -29.62 7.81 -12.26
C HIS A 144 -29.69 9.33 -12.04
N ASP A 145 -30.58 9.74 -11.14
CA ASP A 145 -30.81 11.16 -10.87
C ASP A 145 -29.68 11.75 -10.03
N ALA A 146 -29.14 10.94 -9.11
CA ALA A 146 -27.99 11.36 -8.31
C ALA A 146 -26.75 11.45 -9.19
N LEU A 147 -26.68 10.58 -10.19
CA LEU A 147 -25.58 10.58 -11.16
C LEU A 147 -25.72 11.78 -12.10
N SER A 148 -26.93 12.32 -12.22
CA SER A 148 -27.16 13.54 -12.97
C SER A 148 -26.85 14.79 -12.13
N GLY A 149 -26.49 14.58 -10.86
CA GLY A 149 -26.14 15.67 -9.97
C GLY A 149 -27.34 16.38 -9.38
N ARG A 150 -28.53 16.04 -9.86
CA ARG A 150 -29.77 16.62 -9.36
C ARG A 150 -29.89 16.35 -7.86
N LEU A 151 -29.88 15.06 -7.51
CA LEU A 151 -29.81 14.64 -6.12
C LEU A 151 -28.38 14.86 -5.61
N PRO A 152 -28.18 15.72 -4.60
CA PRO A 152 -26.80 15.93 -4.12
C PRO A 152 -26.08 14.66 -3.66
N SER A 153 -26.78 13.78 -2.95
CA SER A 153 -26.15 12.60 -2.37
C SER A 153 -26.06 11.43 -3.33
N VAL A 154 -24.93 10.73 -3.31
CA VAL A 154 -24.81 9.42 -3.93
C VAL A 154 -25.36 8.39 -2.95
N PRO A 155 -26.43 7.64 -3.33
CA PRO A 155 -26.98 6.71 -2.35
C PRO A 155 -26.15 5.43 -2.24
N PHE A 156 -25.52 5.23 -1.08
CA PHE A 156 -24.60 4.12 -0.89
C PHE A 156 -25.30 2.77 -0.86
N GLU A 157 -26.47 2.73 -0.22
CA GLU A 157 -27.19 1.48 -0.05
C GLU A 157 -27.65 0.94 -1.40
N THR A 158 -27.62 1.80 -2.41
CA THR A 158 -27.92 1.40 -3.79
C THR A 158 -26.69 0.79 -4.45
N ILE A 159 -25.55 1.45 -4.26
CA ILE A 159 -24.29 1.00 -4.86
C ILE A 159 -23.88 -0.32 -4.22
N GLN A 160 -24.17 -0.47 -2.93
CA GLN A 160 -23.96 -1.73 -2.23
C GLN A 160 -24.65 -2.86 -2.99
N ALA A 161 -25.93 -2.66 -3.29
CA ALA A 161 -26.76 -3.70 -3.90
C ALA A 161 -26.23 -4.13 -5.27
N LEU A 162 -25.85 -3.16 -6.10
CA LEU A 162 -25.33 -3.48 -7.43
C LEU A 162 -24.05 -4.31 -7.35
N ASP A 163 -23.21 -4.06 -6.35
CA ASP A 163 -21.98 -4.82 -6.22
C ASP A 163 -22.30 -6.26 -5.84
N VAL A 164 -23.33 -6.45 -5.01
CA VAL A 164 -23.74 -7.79 -4.61
C VAL A 164 -24.27 -8.57 -5.83
N VAL A 165 -24.88 -7.85 -6.78
CA VAL A 165 -25.32 -8.47 -8.02
C VAL A 165 -24.12 -9.01 -8.79
N MET A 166 -23.13 -8.15 -9.02
CA MET A 166 -21.97 -8.52 -9.82
C MET A 166 -21.07 -9.53 -9.13
N ARG A 167 -21.18 -9.64 -7.81
CA ARG A 167 -20.32 -10.52 -7.03
C ARG A 167 -20.91 -11.89 -6.77
N HIS A 168 -22.24 -12.00 -6.87
CA HIS A 168 -22.93 -13.22 -6.46
C HIS A 168 -22.36 -14.48 -7.10
N LEU A 169 -22.30 -14.52 -8.43
CA LEU A 169 -21.85 -15.71 -9.12
C LEU A 169 -20.35 -15.99 -8.96
N PRO A 170 -19.49 -14.99 -9.23
CA PRO A 170 -18.06 -15.27 -9.05
C PRO A 170 -17.65 -15.56 -7.59
N SER A 171 -18.49 -15.16 -6.63
CA SER A 171 -18.20 -15.40 -5.22
C SER A 171 -18.33 -16.87 -4.85
N MET A 172 -18.85 -17.68 -5.78
CA MET A 172 -19.06 -19.10 -5.55
C MET A 172 -18.23 -19.95 -6.52
N ARG A 173 -18.02 -19.44 -7.73
CA ARG A 173 -17.18 -20.14 -8.69
C ARG A 173 -15.71 -19.98 -8.31
N TYR A 174 -15.29 -18.74 -8.11
CA TYR A 174 -13.90 -18.43 -7.83
C TYR A 174 -13.64 -18.26 -6.34
N THR A 175 -12.40 -17.95 -5.98
CA THR A 175 -12.00 -17.79 -4.58
C THR A 175 -11.80 -16.31 -4.22
N PRO A 176 -12.72 -15.74 -3.43
CA PRO A 176 -12.62 -14.31 -3.13
C PRO A 176 -11.44 -13.93 -2.24
N VAL A 177 -10.86 -12.78 -2.51
CA VAL A 177 -9.82 -12.18 -1.66
C VAL A 177 -10.00 -10.68 -1.72
N GLY A 178 -10.58 -10.11 -0.66
CA GLY A 178 -10.89 -8.70 -0.68
C GLY A 178 -11.97 -8.45 -1.70
N ARG A 179 -11.74 -7.47 -2.56
CA ARG A 179 -12.68 -7.13 -3.62
C ARG A 179 -12.32 -7.86 -4.91
N SER A 180 -11.39 -8.82 -4.81
CA SER A 180 -10.92 -9.54 -5.99
C SER A 180 -11.39 -11.00 -6.01
N PHE A 181 -10.97 -11.71 -7.05
CA PHE A 181 -11.34 -13.11 -7.27
C PHE A 181 -10.17 -13.87 -7.90
N PHE A 182 -9.91 -15.07 -7.41
CA PHE A 182 -8.77 -15.87 -7.87
C PHE A 182 -9.18 -17.30 -8.21
N THR A 183 -8.54 -17.85 -9.24
CA THR A 183 -8.80 -19.22 -9.66
C THR A 183 -7.51 -19.84 -10.20
N ALA A 184 -7.41 -21.16 -10.11
CA ALA A 184 -6.27 -21.85 -10.68
C ALA A 184 -6.31 -21.77 -12.20
N SER A 185 -5.23 -21.29 -12.80
CA SER A 185 -5.14 -21.19 -14.26
C SER A 185 -5.24 -22.57 -14.89
N GLU A 186 -6.19 -22.72 -15.81
CA GLU A 186 -6.36 -23.99 -16.51
C GLU A 186 -5.34 -24.09 -17.65
N GLY A 187 -4.71 -25.26 -17.75
CA GLY A 187 -3.79 -25.53 -18.85
C GLY A 187 -2.34 -25.20 -18.55
N CYS A 188 -2.11 -24.34 -17.58
CA CYS A 188 -0.75 -23.98 -17.18
C CYS A 188 -0.62 -24.00 -15.66
N SER A 189 0.60 -24.27 -15.21
CA SER A 189 0.93 -24.24 -13.79
C SER A 189 2.03 -23.19 -13.55
N ASN A 190 2.03 -22.60 -12.37
CA ASN A 190 3.02 -21.59 -12.01
C ASN A 190 3.56 -21.79 -10.61
N PRO A 191 4.43 -22.81 -10.43
CA PRO A 191 4.99 -23.10 -9.12
C PRO A 191 5.95 -22.02 -8.62
N LEU A 192 5.96 -21.81 -7.32
CA LEU A 192 6.90 -20.87 -6.69
C LEU A 192 7.95 -21.65 -5.92
N GLY A 193 7.65 -22.92 -5.64
CA GLY A 193 8.44 -23.74 -4.74
C GLY A 193 7.82 -23.73 -3.35
N GLY A 194 8.30 -24.60 -2.48
CA GLY A 194 7.79 -24.66 -1.12
C GLY A 194 6.32 -25.00 -1.04
N GLY A 195 5.81 -25.67 -2.07
CA GLY A 195 4.43 -26.13 -2.09
C GLY A 195 3.44 -25.04 -2.47
N ARG A 196 3.92 -24.04 -3.21
CA ARG A 196 3.12 -22.88 -3.60
C ARG A 196 3.03 -22.73 -5.11
N GLU A 197 2.08 -21.92 -5.56
CA GLU A 197 1.95 -21.60 -6.97
C GLU A 197 1.18 -20.31 -7.17
N VAL A 198 1.40 -19.66 -8.30
CA VAL A 198 0.69 -18.42 -8.61
C VAL A 198 -0.73 -18.69 -9.10
N TRP A 199 -1.69 -17.99 -8.52
CA TRP A 199 -3.06 -17.95 -9.03
C TRP A 199 -3.34 -16.60 -9.65
N PHE A 200 -3.75 -16.60 -10.91
CA PHE A 200 -4.13 -15.35 -11.57
C PHE A 200 -5.57 -15.02 -11.26
N GLY A 201 -5.88 -13.73 -11.21
CA GLY A 201 -7.21 -13.29 -10.87
C GLY A 201 -7.46 -11.86 -11.31
N PHE A 202 -8.54 -11.28 -10.79
CA PHE A 202 -8.88 -9.91 -11.14
C PHE A 202 -9.60 -9.21 -9.99
N HIS A 203 -9.36 -7.90 -9.88
CA HIS A 203 -10.12 -7.05 -8.98
C HIS A 203 -11.42 -6.62 -9.63
N GLN A 204 -12.48 -6.49 -8.83
CA GLN A 204 -13.77 -6.04 -9.32
C GLN A 204 -14.41 -5.04 -8.36
N SER A 205 -14.98 -3.96 -8.91
CA SER A 205 -15.67 -2.97 -8.09
C SER A 205 -16.66 -2.16 -8.92
N VAL A 206 -17.74 -1.74 -8.28
CA VAL A 206 -18.75 -0.91 -8.90
C VAL A 206 -18.54 0.53 -8.41
N ARG A 207 -18.40 1.47 -9.32
CA ARG A 207 -18.29 2.85 -8.92
C ARG A 207 -19.14 3.77 -9.70
N PRO A 208 -19.62 4.79 -9.06
CA PRO A 208 -20.38 5.82 -9.76
C PRO A 208 -19.44 6.79 -10.46
N SER A 209 -19.93 7.56 -11.44
CA SER A 209 -19.08 8.52 -12.12
C SER A 209 -19.89 9.62 -12.78
N LEU A 210 -19.18 10.52 -13.44
CA LEU A 210 -19.80 11.64 -14.14
C LEU A 210 -20.67 11.16 -15.29
N TRP A 211 -20.30 10.03 -15.87
CA TRP A 211 -20.98 9.52 -17.05
C TRP A 211 -22.06 8.49 -16.70
N LYS A 212 -21.63 7.30 -16.29
CA LYS A 212 -22.55 6.23 -15.93
C LYS A 212 -22.02 5.48 -14.72
N MET A 213 -22.71 4.42 -14.33
CA MET A 213 -22.11 3.43 -13.45
C MET A 213 -20.97 2.79 -14.22
N MET A 214 -19.91 2.44 -13.51
CA MET A 214 -18.72 1.87 -14.14
C MET A 214 -18.30 0.60 -13.43
N LEU A 215 -17.88 -0.39 -14.22
CA LEU A 215 -17.27 -1.58 -13.67
C LEU A 215 -15.77 -1.48 -13.81
N ASN A 216 -15.09 -1.37 -12.67
CA ASN A 216 -13.64 -1.30 -12.67
C ASN A 216 -13.05 -2.70 -12.52
N ILE A 217 -12.33 -3.12 -13.55
CA ILE A 217 -11.67 -4.42 -13.59
C ILE A 217 -10.16 -4.25 -13.72
N ASP A 218 -9.39 -5.03 -12.98
CA ASP A 218 -7.94 -5.06 -13.13
C ASP A 218 -7.39 -6.44 -12.78
N VAL A 219 -6.51 -6.94 -13.64
CA VAL A 219 -5.93 -8.26 -13.43
C VAL A 219 -4.99 -8.23 -12.23
N SER A 220 -4.87 -9.36 -11.55
CA SER A 220 -3.94 -9.47 -10.44
C SER A 220 -3.51 -10.92 -10.22
N ALA A 221 -2.60 -11.13 -9.28
CA ALA A 221 -2.08 -12.45 -9.00
C ALA A 221 -1.54 -12.52 -7.58
N THR A 222 -1.75 -13.65 -6.92
CA THR A 222 -1.22 -13.87 -5.58
C THR A 222 -0.88 -15.35 -5.38
N ALA A 223 -0.02 -15.62 -4.40
CA ALA A 223 0.44 -16.97 -4.13
C ALA A 223 -0.61 -17.79 -3.39
N PHE A 224 -0.75 -19.05 -3.80
CA PHE A 224 -1.67 -19.99 -3.17
C PHE A 224 -0.96 -21.31 -2.85
N TYR A 225 -1.53 -22.07 -1.91
CA TYR A 225 -1.02 -23.41 -1.63
C TYR A 225 -1.58 -24.41 -2.64
N LYS A 226 -0.70 -25.29 -3.13
CA LYS A 226 -1.12 -26.31 -4.08
C LYS A 226 -1.97 -27.36 -3.39
N ALA A 227 -3.00 -27.85 -4.08
CA ALA A 227 -3.85 -28.90 -3.53
C ALA A 227 -3.29 -30.26 -3.87
N GLN A 228 -2.13 -30.56 -3.31
CA GLN A 228 -1.43 -31.81 -3.57
C GLN A 228 -1.46 -32.69 -2.32
N PRO A 229 -1.03 -33.96 -2.44
CA PRO A 229 -0.90 -34.80 -1.26
C PRO A 229 0.10 -34.21 -0.26
N VAL A 230 -0.23 -34.29 1.03
CA VAL A 230 0.65 -33.76 2.07
C VAL A 230 2.04 -34.37 1.95
N ILE A 231 2.09 -35.62 1.49
CA ILE A 231 3.36 -36.30 1.26
C ILE A 231 4.23 -35.51 0.28
N GLU A 232 3.63 -35.02 -0.80
CA GLU A 232 4.36 -34.23 -1.78
C GLU A 232 4.58 -32.80 -1.30
N PHE A 233 3.76 -32.37 -0.34
CA PHE A 233 3.96 -31.06 0.28
C PHE A 233 5.22 -31.08 1.13
N VAL A 234 5.41 -32.16 1.89
CA VAL A 234 6.63 -32.36 2.67
C VAL A 234 7.86 -32.26 1.76
N CYS A 235 7.76 -32.85 0.58
CA CYS A 235 8.90 -32.94 -0.33
C CYS A 235 9.38 -31.58 -0.83
N GLU A 236 8.45 -30.70 -1.18
CA GLU A 236 8.81 -29.41 -1.73
C GLU A 236 9.40 -28.48 -0.67
N VAL A 237 8.94 -28.64 0.57
CA VAL A 237 9.37 -27.77 1.66
C VAL A 237 10.71 -28.22 2.24
N LEU A 238 10.92 -29.53 2.30
CA LEU A 238 12.14 -30.09 2.89
C LEU A 238 13.18 -30.45 1.83
N ASP A 239 12.82 -30.24 0.57
CA ASP A 239 13.76 -30.32 -0.54
C ASP A 239 14.12 -31.78 -0.92
N PHE A 240 13.10 -32.63 -1.04
CA PHE A 240 13.29 -33.98 -1.54
C PHE A 240 12.78 -34.07 -2.99
N LYS A 241 13.50 -34.81 -3.84
CA LYS A 241 13.02 -35.12 -5.17
C LYS A 241 11.93 -36.18 -5.08
N SER A 242 12.06 -37.05 -4.07
CA SER A 242 11.11 -38.13 -3.86
C SER A 242 11.10 -38.60 -2.42
N ILE A 243 9.98 -39.18 -2.01
CA ILE A 243 9.78 -39.77 -0.69
C ILE A 243 10.94 -40.61 -0.14
N GLU A 244 11.53 -41.43 -1.01
CA GLU A 244 12.44 -42.49 -0.56
C GLU A 244 13.81 -41.98 -0.12
N GLU A 245 14.07 -40.69 -0.29
CA GLU A 245 15.33 -40.10 0.15
C GLU A 245 15.46 -40.20 1.67
N GLN A 246 14.41 -39.77 2.37
CA GLN A 246 14.32 -39.94 3.82
C GLN A 246 13.59 -41.25 4.12
N GLN A 247 14.30 -42.20 4.73
CA GLN A 247 13.78 -43.55 4.93
C GLN A 247 13.40 -43.85 6.39
N LYS A 248 13.93 -43.04 7.31
CA LYS A 248 13.66 -43.18 8.73
C LYS A 248 13.22 -41.81 9.26
N PRO A 249 12.72 -41.73 10.51
CA PRO A 249 11.96 -40.51 10.85
C PRO A 249 12.72 -39.18 10.72
N LEU A 250 11.97 -38.09 10.64
CA LEU A 250 12.55 -36.78 10.37
C LEU A 250 13.60 -36.37 11.40
N THR A 251 14.53 -35.56 10.94
CA THR A 251 15.53 -34.93 11.80
C THR A 251 14.83 -33.92 12.70
N ASP A 252 15.48 -33.53 13.78
CA ASP A 252 14.98 -32.45 14.62
C ASP A 252 14.75 -31.21 13.76
N SER A 253 15.75 -30.86 12.95
CA SER A 253 15.68 -29.70 12.05
C SER A 253 14.49 -29.76 11.11
N GLN A 254 14.20 -30.94 10.60
CA GLN A 254 13.19 -31.10 9.55
C GLN A 254 11.76 -31.05 10.09
N ARG A 255 11.56 -31.55 11.30
CA ARG A 255 10.21 -31.63 11.86
C ARG A 255 9.66 -30.25 12.25
N VAL A 256 10.54 -29.33 12.62
CA VAL A 256 10.10 -27.98 12.99
C VAL A 256 9.84 -27.17 11.73
N LYS A 257 10.73 -27.30 10.75
CA LYS A 257 10.59 -26.59 9.49
C LYS A 257 9.30 -27.00 8.77
N PHE A 258 8.98 -28.30 8.81
CA PHE A 258 7.74 -28.80 8.25
C PHE A 258 6.54 -28.28 9.04
N THR A 259 6.65 -28.35 10.37
CA THR A 259 5.60 -27.88 11.26
C THR A 259 5.26 -26.42 11.00
N LYS A 260 6.30 -25.60 10.90
CA LYS A 260 6.14 -24.16 10.70
C LYS A 260 5.34 -23.83 9.43
N GLU A 261 5.32 -24.75 8.48
CA GLU A 261 4.76 -24.49 7.17
C GLU A 261 3.33 -24.99 6.99
N ILE A 262 2.99 -26.08 7.66
CA ILE A 262 1.65 -26.67 7.49
C ILE A 262 0.69 -26.27 8.61
N LYS A 263 1.20 -25.86 9.76
CA LYS A 263 0.34 -25.46 10.87
C LYS A 263 -0.47 -24.24 10.51
N GLY A 264 -1.79 -24.38 10.59
CA GLY A 264 -2.71 -23.31 10.26
C GLY A 264 -3.35 -23.52 8.90
N LEU A 265 -2.81 -24.47 8.13
CA LEU A 265 -3.41 -24.86 6.86
C LEU A 265 -4.46 -25.91 7.11
N LYS A 266 -5.47 -25.94 6.26
CA LYS A 266 -6.52 -26.95 6.37
C LYS A 266 -6.13 -28.17 5.54
N VAL A 267 -6.72 -29.33 5.85
CA VAL A 267 -6.50 -30.55 5.09
C VAL A 267 -7.77 -31.39 4.99
N GLU A 268 -7.80 -32.30 4.02
CA GLU A 268 -8.95 -33.16 3.78
C GLU A 268 -8.53 -34.62 3.63
N ILE A 269 -9.49 -35.52 3.84
CA ILE A 269 -9.24 -36.96 3.79
C ILE A 269 -9.62 -37.57 2.44
N LYS A 276 -13.50 -36.12 2.30
CA LYS A 276 -14.83 -35.55 2.49
C LYS A 276 -14.80 -34.43 3.53
N ARG A 277 -14.09 -34.69 4.63
CA ARG A 277 -14.19 -33.85 5.82
C ARG A 277 -13.04 -32.84 5.92
N LYS A 278 -13.30 -31.76 6.66
CA LYS A 278 -12.37 -30.65 6.82
C LYS A 278 -11.59 -30.72 8.13
N TYR A 279 -10.34 -30.26 8.11
CA TYR A 279 -9.51 -30.22 9.32
C TYR A 279 -8.51 -29.08 9.27
N ARG A 280 -8.50 -28.26 10.32
CA ARG A 280 -7.43 -27.28 10.50
C ARG A 280 -6.24 -27.96 11.18
N VAL A 281 -5.11 -28.01 10.49
CA VAL A 281 -3.89 -28.58 11.05
C VAL A 281 -3.42 -27.70 12.21
N CYS A 282 -3.14 -28.33 13.35
CA CYS A 282 -2.81 -27.61 14.57
C CYS A 282 -1.40 -27.91 15.06
N ASN A 283 -0.90 -29.11 14.76
CA ASN A 283 0.43 -29.50 15.20
C ASN A 283 0.95 -30.73 14.44
N VAL A 284 2.28 -30.83 14.32
CA VAL A 284 2.93 -32.02 13.77
C VAL A 284 3.56 -32.80 14.92
N THR A 285 3.14 -34.05 15.08
CA THR A 285 3.51 -34.82 16.27
C THR A 285 5.00 -35.12 16.33
N ARG A 286 5.43 -35.52 17.52
CA ARG A 286 6.83 -35.80 17.84
C ARG A 286 7.24 -37.19 17.35
N ARG A 287 6.40 -38.19 17.62
CA ARG A 287 6.72 -39.58 17.28
C ARG A 287 6.20 -39.97 15.90
N PRO A 288 6.91 -40.89 15.23
CA PRO A 288 6.38 -41.40 13.95
C PRO A 288 5.12 -42.24 14.16
N ALA A 289 4.29 -42.32 13.12
CA ALA A 289 2.98 -42.97 13.21
C ALA A 289 3.05 -44.35 13.88
N SER A 290 3.93 -45.23 13.39
CA SER A 290 4.06 -46.58 13.93
C SER A 290 4.21 -46.59 15.46
N HIS A 291 4.95 -45.62 15.98
CA HIS A 291 5.23 -45.52 17.41
C HIS A 291 4.24 -44.61 18.14
N GLN A 292 3.69 -43.63 17.43
CA GLN A 292 2.75 -42.68 18.03
C GLN A 292 1.47 -43.38 18.51
N THR A 293 0.98 -42.96 19.67
CA THR A 293 -0.14 -43.64 20.32
C THR A 293 -1.21 -42.68 20.87
N PHE A 294 -2.45 -43.16 20.87
CA PHE A 294 -3.57 -42.45 21.47
C PHE A 294 -4.40 -43.43 22.30
N PRO A 295 -5.00 -42.96 23.41
CA PRO A 295 -5.77 -43.90 24.24
C PRO A 295 -7.09 -44.33 23.59
N GLU A 305 -5.73 -47.70 24.56
CA GLU A 305 -4.31 -47.39 24.38
C GLU A 305 -3.77 -48.04 23.10
N CYS A 306 -4.00 -47.35 21.97
CA CYS A 306 -3.66 -47.88 20.65
C CYS A 306 -2.76 -46.92 19.87
N THR A 307 -2.07 -47.46 18.86
CA THR A 307 -1.14 -46.67 18.04
C THR A 307 -1.77 -46.44 16.66
N VAL A 308 -1.51 -45.26 16.09
CA VAL A 308 -2.24 -44.81 14.90
C VAL A 308 -2.03 -45.76 13.71
N ALA A 309 -0.80 -46.25 13.54
CA ALA A 309 -0.50 -47.17 12.46
C ALA A 309 -1.27 -48.46 12.68
N GLN A 310 -1.33 -48.89 13.94
CA GLN A 310 -2.08 -50.08 14.32
C GLN A 310 -3.57 -49.82 14.15
N TYR A 311 -3.98 -48.60 14.51
CA TYR A 311 -5.38 -48.19 14.42
C TYR A 311 -5.86 -48.21 12.96
N PHE A 312 -5.05 -47.68 12.05
CA PHE A 312 -5.40 -47.67 10.63
C PHE A 312 -5.20 -49.04 9.98
N LYS A 313 -4.45 -49.90 10.65
CA LYS A 313 -4.13 -51.22 10.10
C LYS A 313 -5.33 -52.15 10.06
N ASP A 314 -6.27 -51.97 10.99
CA ASP A 314 -7.42 -52.87 11.13
C ASP A 314 -8.79 -52.18 11.04
N ARG A 315 -8.90 -50.94 11.51
CA ARG A 315 -10.18 -50.25 11.48
C ARG A 315 -10.54 -49.79 10.06
N HIS A 316 -9.57 -49.22 9.35
CA HIS A 316 -9.75 -48.80 7.96
C HIS A 316 -9.00 -49.72 7.00
N LYS A 317 -8.25 -50.66 7.60
CA LYS A 317 -7.66 -51.77 6.88
C LYS A 317 -6.74 -51.38 5.73
N LEU A 318 -5.69 -50.64 6.07
CA LEU A 318 -4.58 -50.42 5.15
C LEU A 318 -3.30 -50.23 5.95
N VAL A 319 -2.26 -50.99 5.59
CA VAL A 319 -0.94 -50.75 6.12
C VAL A 319 -0.53 -49.38 5.63
N LEU A 320 0.45 -48.77 6.30
CA LEU A 320 0.93 -47.48 5.85
C LEU A 320 2.29 -47.63 5.17
N ARG A 321 2.39 -47.03 4.00
CA ARG A 321 3.66 -46.75 3.43
C ARG A 321 4.06 -45.61 4.31
N TYR A 322 5.35 -45.34 4.41
CA TYR A 322 5.84 -44.21 5.20
C TYR A 322 5.36 -44.22 6.64
N PRO A 323 5.48 -45.45 7.29
CA PRO A 323 5.06 -45.42 8.70
C PRO A 323 6.07 -44.68 9.52
N HIS A 324 7.26 -44.46 8.97
CA HIS A 324 8.28 -43.70 9.66
C HIS A 324 7.98 -42.25 9.93
N LEU A 325 7.32 -41.58 9.01
CA LEU A 325 6.95 -40.18 9.18
C LEU A 325 5.83 -39.96 10.19
N PRO A 326 5.78 -38.77 10.76
CA PRO A 326 4.84 -38.49 11.85
C PRO A 326 3.40 -38.32 11.39
N CYS A 327 2.56 -37.85 12.31
CA CYS A 327 1.16 -37.59 12.04
C CYS A 327 0.81 -36.14 12.33
N LEU A 328 -0.18 -35.63 11.62
CA LEU A 328 -0.71 -34.31 11.88
C LEU A 328 -1.66 -34.41 13.06
N GLN A 329 -1.67 -33.37 13.90
CA GLN A 329 -2.64 -33.27 14.98
C GLN A 329 -3.65 -32.21 14.57
N VAL A 330 -4.92 -32.61 14.48
CA VAL A 330 -5.91 -31.80 13.81
C VAL A 330 -7.01 -31.30 14.74
N GLY A 331 -7.56 -30.14 14.39
CA GLY A 331 -8.66 -29.54 15.12
C GLY A 331 -8.26 -29.00 16.48
N GLN A 332 -9.00 -29.43 17.50
CA GLN A 332 -8.84 -28.90 18.84
C GLN A 332 -7.55 -29.38 19.49
N GLU A 333 -6.88 -28.46 20.18
CA GLU A 333 -5.64 -28.76 20.90
C GLU A 333 -5.94 -29.72 22.05
N GLN A 334 -7.08 -29.50 22.70
CA GLN A 334 -7.49 -30.29 23.86
C GLN A 334 -7.71 -31.76 23.48
N LYS A 335 -8.14 -32.01 22.25
CA LYS A 335 -8.57 -33.35 21.85
C LYS A 335 -7.44 -34.16 21.23
N HIS A 336 -7.68 -35.45 21.08
CA HIS A 336 -6.65 -36.42 20.73
C HIS A 336 -6.96 -37.18 19.44
N THR A 337 -7.13 -36.45 18.35
CA THR A 337 -7.25 -37.08 17.03
C THR A 337 -6.04 -36.69 16.16
N TYR A 338 -5.36 -37.73 15.70
CA TYR A 338 -4.12 -37.59 14.95
C TYR A 338 -4.29 -38.22 13.56
N LEU A 339 -3.83 -37.51 12.52
CA LEU A 339 -4.02 -37.96 11.14
C LEU A 339 -2.69 -38.25 10.42
N PRO A 340 -2.60 -39.41 9.72
CA PRO A 340 -1.38 -39.76 8.97
C PRO A 340 -1.18 -38.91 7.70
N LEU A 341 0.07 -38.61 7.34
CA LEU A 341 0.37 -37.80 6.15
C LEU A 341 -0.16 -38.44 4.87
N GLU A 342 -0.20 -39.77 4.88
CA GLU A 342 -0.63 -40.54 3.72
C GLU A 342 -2.01 -40.20 3.23
N VAL A 343 -2.97 -40.28 4.15
CA VAL A 343 -4.37 -40.14 3.82
C VAL A 343 -4.80 -38.69 3.69
N CYS A 344 -3.87 -37.76 3.85
CA CYS A 344 -4.21 -36.34 3.89
C CYS A 344 -3.99 -35.63 2.57
N ASN A 345 -4.87 -34.68 2.29
CA ASN A 345 -4.73 -33.78 1.15
C ASN A 345 -4.67 -32.33 1.61
N ILE A 346 -3.75 -31.55 1.05
CA ILE A 346 -3.81 -30.10 1.22
C ILE A 346 -5.07 -29.64 0.47
N VAL A 347 -6.04 -29.09 1.19
CA VAL A 347 -7.30 -28.67 0.57
C VAL A 347 -7.08 -27.41 -0.27
N ALA A 348 -7.79 -27.36 -1.40
CA ALA A 348 -7.54 -26.37 -2.44
C ALA A 348 -8.06 -24.98 -2.08
N GLY A 349 -7.45 -23.96 -2.67
CA GLY A 349 -7.93 -22.59 -2.57
C GLY A 349 -7.68 -21.93 -1.23
N GLN A 350 -6.50 -22.19 -0.66
CA GLN A 350 -6.05 -21.49 0.55
C GLN A 350 -4.94 -20.49 0.24
N ARG A 351 -5.22 -19.21 0.47
CA ARG A 351 -4.24 -18.17 0.18
C ARG A 351 -3.01 -18.36 1.07
N CYS A 352 -1.85 -18.05 0.51
CA CYS A 352 -0.60 -18.08 1.28
C CYS A 352 -0.36 -16.72 1.93
N ILE A 353 -0.51 -16.68 3.26
CA ILE A 353 -0.44 -15.42 4.01
C ILE A 353 0.98 -15.20 4.54
N LYS A 354 1.74 -16.26 4.72
CA LYS A 354 3.15 -16.12 5.08
C LYS A 354 3.87 -15.30 4.02
N LYS A 355 4.95 -14.63 4.41
CA LYS A 355 5.78 -13.92 3.44
C LYS A 355 6.44 -14.96 2.53
N LEU A 356 6.63 -14.58 1.27
CA LEU A 356 7.31 -15.47 0.32
C LEU A 356 8.80 -15.49 0.61
N THR A 357 9.48 -16.52 0.15
CA THR A 357 10.93 -16.53 0.21
C THR A 357 11.45 -15.57 -0.86
N ASP A 358 12.77 -15.37 -0.91
CA ASP A 358 13.34 -14.38 -1.81
C ASP A 358 13.27 -14.87 -3.26
N ASN A 359 13.51 -16.18 -3.46
CA ASN A 359 13.43 -16.77 -4.79
C ASN A 359 11.98 -17.03 -5.18
N GLN A 360 11.12 -17.19 -4.17
CA GLN A 360 9.69 -17.27 -4.41
C GLN A 360 9.20 -15.94 -4.99
N THR A 361 9.69 -14.85 -4.42
CA THR A 361 9.33 -13.51 -4.88
C THR A 361 9.84 -13.31 -6.30
N SER A 362 11.09 -13.69 -6.53
CA SER A 362 11.71 -13.56 -7.85
C SER A 362 10.82 -14.21 -8.91
N THR A 363 10.33 -15.41 -8.59
CA THR A 363 9.47 -16.18 -9.49
C THR A 363 8.15 -15.44 -9.72
N MET A 364 7.60 -14.89 -8.64
CA MET A 364 6.32 -14.17 -8.68
C MET A 364 6.40 -12.94 -9.57
N ILE A 365 7.42 -12.12 -9.34
CA ILE A 365 7.64 -10.91 -10.12
C ILE A 365 7.80 -11.26 -11.60
N ARG A 366 8.65 -12.23 -11.88
CA ARG A 366 8.93 -12.67 -13.24
C ARG A 366 7.67 -13.11 -13.97
N ALA A 367 6.77 -13.74 -13.23
CA ALA A 367 5.54 -14.27 -13.81
C ALA A 367 4.53 -13.16 -14.11
N THR A 368 4.49 -12.13 -13.26
CA THR A 368 3.43 -11.12 -13.32
C THR A 368 3.90 -9.75 -13.79
N ALA A 369 5.20 -9.61 -14.06
CA ALA A 369 5.73 -8.37 -14.63
C ALA A 369 5.09 -8.14 -15.99
N ARG A 370 4.62 -6.92 -16.24
CA ARG A 370 3.82 -6.64 -17.42
C ARG A 370 3.87 -5.17 -17.85
N SER A 371 4.36 -4.93 -19.06
CA SER A 371 4.38 -3.59 -19.62
C SER A 371 2.96 -3.08 -19.76
N ALA A 372 2.79 -1.76 -19.92
CA ALA A 372 1.46 -1.16 -19.90
C ALA A 372 0.57 -1.63 -21.07
N PRO A 373 1.14 -1.76 -22.28
CA PRO A 373 0.28 -2.29 -23.35
C PRO A 373 -0.12 -3.74 -23.11
N ASP A 374 0.81 -4.54 -22.61
CA ASP A 374 0.54 -5.94 -22.26
C ASP A 374 -0.51 -5.98 -21.15
N ARG A 375 -0.38 -5.09 -20.18
CA ARG A 375 -1.37 -4.93 -19.12
C ARG A 375 -2.75 -4.64 -19.69
N GLN A 376 -2.79 -3.68 -20.62
CA GLN A 376 -4.05 -3.24 -21.22
C GLN A 376 -4.72 -4.39 -21.94
N GLU A 377 -3.94 -5.17 -22.68
CA GLU A 377 -4.51 -6.24 -23.48
C GLU A 377 -5.00 -7.37 -22.60
N GLU A 378 -4.34 -7.58 -21.46
CA GLU A 378 -4.71 -8.66 -20.55
C GLU A 378 -6.04 -8.36 -19.86
N ILE A 379 -6.25 -7.09 -19.52
CA ILE A 379 -7.53 -6.66 -18.96
C ILE A 379 -8.63 -6.88 -20.01
N SER A 380 -8.32 -6.52 -21.25
CA SER A 380 -9.28 -6.61 -22.34
C SER A 380 -9.62 -8.06 -22.66
N LYS A 381 -8.61 -8.92 -22.72
CA LYS A 381 -8.83 -10.33 -23.02
C LYS A 381 -9.73 -10.96 -21.97
N LEU A 382 -9.41 -10.70 -20.71
CA LEU A 382 -10.17 -11.22 -19.59
C LEU A 382 -11.64 -10.81 -19.67
N MET A 383 -11.88 -9.56 -20.03
CA MET A 383 -13.23 -9.01 -20.01
C MET A 383 -14.12 -9.56 -21.12
N ARG A 384 -13.54 -9.77 -22.30
CA ARG A 384 -14.26 -10.43 -23.38
C ARG A 384 -14.51 -11.89 -23.02
N SER A 385 -13.59 -12.46 -22.24
CA SER A 385 -13.70 -13.84 -21.79
C SER A 385 -14.68 -13.97 -20.63
N ALA A 386 -14.74 -12.95 -19.78
CA ALA A 386 -15.63 -12.95 -18.63
C ALA A 386 -17.08 -13.08 -19.06
N ASP A 387 -17.46 -12.25 -20.04
CA ASP A 387 -18.80 -12.27 -20.59
C ASP A 387 -19.82 -12.01 -19.47
N PHE A 388 -19.70 -10.86 -18.83
CA PHE A 388 -20.56 -10.50 -17.70
C PHE A 388 -22.04 -10.48 -18.06
N ASN A 389 -22.33 -10.34 -19.35
CA ASN A 389 -23.71 -10.28 -19.82
C ASN A 389 -24.41 -11.64 -19.80
N THR A 390 -23.63 -12.71 -19.96
CA THR A 390 -24.18 -14.07 -19.94
C THR A 390 -24.60 -14.49 -18.53
N ASP A 391 -23.93 -13.91 -17.53
CA ASP A 391 -24.19 -14.17 -16.12
C ASP A 391 -25.70 -14.10 -15.83
N PRO A 392 -26.31 -15.24 -15.44
CA PRO A 392 -27.77 -15.27 -15.25
C PRO A 392 -28.26 -14.32 -14.17
N TYR A 393 -27.50 -14.21 -13.07
CA TYR A 393 -27.87 -13.32 -11.98
C TYR A 393 -27.80 -11.87 -12.41
N VAL A 394 -26.84 -11.55 -13.26
CA VAL A 394 -26.74 -10.22 -13.86
C VAL A 394 -27.93 -9.99 -14.79
N ARG A 395 -28.25 -11.03 -15.57
CA ARG A 395 -29.36 -10.96 -16.52
C ARG A 395 -30.70 -10.76 -15.82
N GLU A 396 -30.86 -11.39 -14.66
CA GLU A 396 -32.07 -11.23 -13.86
C GLU A 396 -32.37 -9.76 -13.61
N PHE A 397 -31.33 -9.00 -13.27
CA PHE A 397 -31.45 -7.58 -12.96
C PHE A 397 -31.25 -6.72 -14.20
N GLY A 398 -31.25 -7.37 -15.37
CA GLY A 398 -31.23 -6.69 -16.65
C GLY A 398 -30.08 -5.71 -16.82
N ILE A 399 -28.94 -6.05 -16.22
CA ILE A 399 -27.75 -5.20 -16.30
C ILE A 399 -26.94 -5.60 -17.53
N MET A 400 -26.39 -4.58 -18.19
CA MET A 400 -25.55 -4.77 -19.36
C MET A 400 -24.19 -4.13 -19.12
N VAL A 401 -23.12 -4.86 -19.45
CA VAL A 401 -21.75 -4.36 -19.29
C VAL A 401 -21.05 -4.22 -20.63
N LYS A 402 -20.38 -3.08 -20.83
CA LYS A 402 -19.73 -2.76 -22.09
C LYS A 402 -18.50 -3.62 -22.33
N ASP A 403 -18.34 -4.09 -23.56
CA ASP A 403 -17.28 -5.01 -23.92
C ASP A 403 -15.90 -4.35 -23.85
N GLU A 404 -15.87 -3.02 -23.94
CA GLU A 404 -14.63 -2.28 -24.17
C GLU A 404 -14.31 -1.27 -23.06
N MET A 405 -13.02 -0.96 -22.94
CA MET A 405 -12.56 0.10 -22.04
C MET A 405 -13.20 1.43 -22.42
N THR A 406 -13.48 2.25 -21.42
CA THR A 406 -14.00 3.58 -21.65
C THR A 406 -12.92 4.49 -22.23
N ASP A 407 -13.32 5.36 -23.14
CA ASP A 407 -12.44 6.38 -23.68
C ASP A 407 -12.55 7.61 -22.79
N VAL A 408 -11.41 8.17 -22.42
CA VAL A 408 -11.39 9.37 -21.58
C VAL A 408 -10.28 10.31 -22.06
N THR A 409 -10.58 11.60 -22.09
CA THR A 409 -9.62 12.61 -22.51
C THR A 409 -8.91 13.22 -21.31
N GLY A 410 -7.60 13.07 -21.30
CA GLY A 410 -6.79 13.66 -20.25
C GLY A 410 -6.12 14.92 -20.78
N ARG A 411 -5.48 15.65 -19.88
CA ARG A 411 -4.63 16.77 -20.26
C ARG A 411 -3.23 16.56 -19.68
N VAL A 412 -2.21 16.88 -20.47
CA VAL A 412 -0.84 16.79 -20.00
C VAL A 412 -0.35 18.16 -19.57
N LEU A 413 -0.22 18.35 -18.26
CA LEU A 413 0.22 19.62 -17.70
C LEU A 413 1.67 19.92 -18.01
N GLN A 414 2.01 21.20 -18.04
CA GLN A 414 3.38 21.62 -18.26
C GLN A 414 4.19 21.50 -16.98
N PRO A 415 5.43 20.99 -17.07
CA PRO A 415 6.29 20.95 -15.89
C PRO A 415 6.76 22.33 -15.46
N PRO A 416 6.91 22.57 -14.16
CA PRO A 416 7.46 23.86 -13.72
C PRO A 416 8.95 23.93 -14.01
N SER A 417 9.49 25.14 -14.12
CA SER A 417 10.93 25.30 -14.26
C SER A 417 11.55 25.21 -12.87
N ILE A 418 12.70 24.56 -12.78
CA ILE A 418 13.41 24.42 -11.51
C ILE A 418 14.59 25.39 -11.48
N LEU A 419 14.76 26.07 -10.36
CA LEU A 419 15.76 27.12 -10.24
C LEU A 419 16.92 26.72 -9.35
N TYR A 420 18.11 26.73 -9.94
CA TYR A 420 19.34 26.48 -9.21
C TYR A 420 20.03 27.80 -8.89
N GLY A 421 21.13 27.72 -8.15
CA GLY A 421 21.84 28.90 -7.70
C GLY A 421 23.28 28.94 -8.17
N GLY A 422 24.19 29.14 -7.23
CA GLY A 422 25.58 29.42 -7.56
C GLY A 422 25.65 30.74 -8.28
N ARG A 423 26.46 30.81 -9.33
CA ARG A 423 26.59 32.03 -10.12
C ARG A 423 25.62 32.05 -11.29
N ASN A 424 25.54 30.93 -12.00
CA ASN A 424 24.71 30.82 -13.20
C ASN A 424 23.23 31.15 -12.95
N LYS A 425 22.72 30.76 -11.77
CA LYS A 425 21.29 30.79 -11.51
C LYS A 425 20.59 30.05 -12.65
N ALA A 426 21.15 28.88 -12.98
CA ALA A 426 20.66 28.06 -14.10
C ALA A 426 19.22 27.62 -13.87
N ILE A 427 18.52 27.37 -14.97
CA ILE A 427 17.16 26.85 -14.91
C ILE A 427 17.13 25.46 -15.54
N ALA A 428 16.48 24.53 -14.84
CA ALA A 428 16.32 23.16 -15.32
C ALA A 428 14.90 22.94 -15.80
N THR A 429 14.76 22.18 -16.88
CA THR A 429 13.46 21.93 -17.51
C THR A 429 13.14 20.45 -17.51
N PRO A 430 12.21 20.02 -16.63
CA PRO A 430 11.83 18.60 -16.66
C PRO A 430 11.29 18.19 -18.03
N VAL A 431 11.84 17.12 -18.59
CA VAL A 431 11.32 16.57 -19.84
C VAL A 431 10.88 15.13 -19.57
N GLN A 432 9.60 14.87 -19.82
CA GLN A 432 8.97 13.61 -19.46
C GLN A 432 9.29 13.25 -18.01
N GLY A 433 9.16 14.24 -17.14
CA GLY A 433 9.30 14.04 -15.71
C GLY A 433 10.70 13.76 -15.21
N VAL A 434 11.71 14.21 -15.96
CA VAL A 434 13.10 13.99 -15.59
C VAL A 434 14.00 15.18 -15.95
N TRP A 435 14.98 15.41 -15.13
CA TRP A 435 15.97 16.42 -15.33
C TRP A 435 17.26 16.02 -14.70
N ASP A 436 18.32 16.78 -14.91
CA ASP A 436 19.61 16.44 -14.30
C ASP A 436 20.33 17.59 -13.70
N MET A 437 21.37 17.27 -12.96
CA MET A 437 22.12 18.24 -12.21
C MET A 437 23.47 18.64 -12.79
N ARG A 438 23.77 18.19 -13.99
CA ARG A 438 25.01 18.56 -14.63
C ARG A 438 25.01 20.03 -14.96
N ASN A 439 26.11 20.68 -14.68
CA ASN A 439 26.33 22.10 -14.96
C ASN A 439 25.50 23.07 -14.16
N LYS A 440 25.05 22.63 -13.01
CA LYS A 440 24.22 23.42 -12.10
C LYS A 440 24.72 23.30 -10.66
N GLN A 441 24.47 24.34 -9.87
CA GLN A 441 24.88 24.37 -8.46
C GLN A 441 23.65 24.55 -7.56
N PHE A 442 23.71 24.00 -6.35
CA PHE A 442 22.61 24.12 -5.40
C PHE A 442 22.21 25.57 -5.18
N HIS A 443 20.91 25.82 -5.02
CA HIS A 443 20.41 27.15 -4.74
C HIS A 443 21.10 27.72 -3.51
N THR A 444 21.30 26.86 -2.51
CA THR A 444 22.10 27.19 -1.32
C THR A 444 22.91 25.97 -0.89
N GLY A 445 24.14 25.91 -1.37
CA GLY A 445 25.03 24.81 -1.04
C GLY A 445 25.77 25.01 0.27
N ILE A 446 25.92 23.94 1.03
CA ILE A 446 26.62 23.98 2.30
C ILE A 446 28.11 23.79 2.10
N GLU A 447 28.89 24.71 2.65
CA GLU A 447 30.33 24.53 2.71
C GLU A 447 30.67 23.60 3.88
N ILE A 448 31.28 22.46 3.56
CA ILE A 448 31.61 21.46 4.56
C ILE A 448 33.11 21.52 4.94
N LYS A 449 33.39 21.89 6.20
CA LYS A 449 34.76 22.07 6.66
C LYS A 449 35.17 21.03 7.71
N VAL A 450 34.22 20.59 8.52
CA VAL A 450 34.49 19.57 9.54
C VAL A 450 33.61 18.34 9.35
N TRP A 451 34.23 17.21 9.05
CA TRP A 451 33.50 15.96 8.82
C TRP A 451 34.38 14.74 9.07
N ALA A 452 33.74 13.58 9.23
CA ALA A 452 34.45 12.34 9.55
C ALA A 452 33.90 11.14 8.79
N ILE A 453 34.69 10.06 8.77
CA ILE A 453 34.28 8.79 8.18
C ILE A 453 34.36 7.68 9.23
N ALA A 454 33.43 6.72 9.13
CA ALA A 454 33.41 5.58 10.04
C ALA A 454 33.02 4.31 9.28
N CYS A 455 34.02 3.50 8.97
CA CYS A 455 33.79 2.29 8.19
C CYS A 455 33.55 1.10 9.13
N PHE A 456 32.40 0.46 8.97
CA PHE A 456 32.06 -0.75 9.72
C PHE A 456 32.16 -1.99 8.83
N ALA A 457 32.64 -1.80 7.62
CA ALA A 457 33.00 -2.93 6.75
C ALA A 457 34.39 -3.44 7.13
N PRO A 458 34.67 -4.73 6.87
CA PRO A 458 36.01 -5.24 7.16
C PRO A 458 37.07 -4.57 6.28
N GLN A 459 38.21 -4.23 6.87
CA GLN A 459 39.24 -3.48 6.15
C GLN A 459 39.79 -4.25 4.95
N ARG A 460 39.82 -5.57 5.07
CA ARG A 460 40.26 -6.44 3.98
C ARG A 460 39.40 -6.24 2.73
N GLN A 461 38.18 -5.77 2.94
CA GLN A 461 37.21 -5.59 1.85
C GLN A 461 37.08 -4.12 1.47
N CYS A 462 37.04 -3.24 2.47
CA CYS A 462 37.00 -1.81 2.24
C CYS A 462 38.30 -1.20 2.73
N THR A 463 39.24 -1.02 1.80
CA THR A 463 40.60 -0.62 2.13
C THR A 463 40.74 0.90 2.21
N GLU A 464 41.86 1.36 2.77
CA GLU A 464 42.10 2.80 2.89
C GLU A 464 42.19 3.46 1.51
N VAL A 465 42.59 2.68 0.50
CA VAL A 465 42.64 3.16 -0.87
C VAL A 465 41.24 3.46 -1.39
N HIS A 466 40.34 2.49 -1.25
CA HIS A 466 38.95 2.65 -1.64
C HIS A 466 38.34 3.89 -1.03
N LEU A 467 38.55 4.08 0.27
CA LEU A 467 38.03 5.25 0.98
C LEU A 467 38.60 6.54 0.40
N LYS A 468 39.91 6.55 0.18
CA LYS A 468 40.59 7.71 -0.38
C LYS A 468 40.09 7.99 -1.80
N SER A 469 39.94 6.94 -2.59
CA SER A 469 39.38 7.06 -3.93
C SER A 469 37.99 7.67 -3.88
N PHE A 470 37.13 7.03 -3.11
CA PHE A 470 35.74 7.47 -2.96
C PHE A 470 35.65 8.92 -2.50
N THR A 471 36.56 9.31 -1.61
CA THR A 471 36.54 10.66 -1.05
C THR A 471 36.83 11.68 -2.14
N GLU A 472 37.89 11.47 -2.91
CA GLU A 472 38.26 12.40 -3.97
C GLU A 472 37.15 12.54 -5.02
N GLN A 473 36.56 11.41 -5.41
CA GLN A 473 35.46 11.40 -6.37
C GLN A 473 34.26 12.19 -5.86
N LEU A 474 33.94 12.01 -4.58
CA LEU A 474 32.83 12.73 -3.95
C LEU A 474 33.11 14.22 -3.88
N ARG A 475 34.31 14.58 -3.42
CA ARG A 475 34.70 15.99 -3.32
C ARG A 475 34.60 16.67 -4.68
N LYS A 476 34.91 15.94 -5.74
CA LYS A 476 34.83 16.47 -7.10
C LYS A 476 33.37 16.80 -7.45
N ILE A 477 32.53 15.77 -7.41
CA ILE A 477 31.11 15.93 -7.67
C ILE A 477 30.46 17.00 -6.80
N SER A 478 30.90 17.10 -5.56
CA SER A 478 30.29 18.01 -4.59
C SER A 478 30.64 19.46 -4.86
N ARG A 479 31.87 19.70 -5.28
CA ARG A 479 32.32 21.04 -5.63
C ARG A 479 31.55 21.53 -6.86
N ASP A 480 31.35 20.64 -7.83
CA ASP A 480 30.59 20.98 -9.03
C ASP A 480 29.15 21.32 -8.70
N ALA A 481 28.66 20.78 -7.59
CA ALA A 481 27.27 20.98 -7.17
C ALA A 481 27.10 22.17 -6.24
N GLY A 482 28.20 22.81 -5.85
CA GLY A 482 28.17 23.97 -4.98
C GLY A 482 28.29 23.62 -3.51
N MET A 483 28.60 22.36 -3.23
CA MET A 483 28.75 21.86 -1.86
C MET A 483 30.19 21.46 -1.59
N PRO A 484 31.09 22.44 -1.49
CA PRO A 484 32.52 22.16 -1.35
C PRO A 484 32.86 21.43 -0.06
N ILE A 485 33.30 20.18 -0.20
CA ILE A 485 33.92 19.45 0.90
C ILE A 485 35.36 19.94 0.96
N GLN A 486 35.57 21.02 1.70
CA GLN A 486 36.78 21.82 1.60
C GLN A 486 38.08 21.13 2.01
N GLY A 487 37.99 20.12 2.86
CA GLY A 487 39.18 19.44 3.35
C GLY A 487 39.03 17.94 3.42
N GLN A 488 40.09 17.27 3.87
CA GLN A 488 40.03 15.84 4.15
C GLN A 488 39.26 15.64 5.45
N PRO A 489 38.75 14.42 5.69
CA PRO A 489 38.00 14.22 6.94
C PRO A 489 38.92 14.26 8.16
N CYS A 490 38.50 14.99 9.20
CA CYS A 490 39.31 15.16 10.41
C CYS A 490 39.40 13.87 11.22
N PHE A 491 38.75 12.81 10.75
CA PHE A 491 38.69 11.56 11.48
C PHE A 491 38.34 10.42 10.53
N CYS A 492 38.98 9.28 10.72
CA CYS A 492 38.72 8.10 9.90
C CYS A 492 39.21 6.86 10.62
N LYS A 493 38.27 6.04 11.09
CA LYS A 493 38.60 4.84 11.86
C LYS A 493 37.68 3.67 11.53
N TYR A 494 38.28 2.49 11.36
CA TYR A 494 37.51 1.27 11.16
C TYR A 494 36.91 0.81 12.49
N ALA A 495 35.78 0.12 12.41
CA ALA A 495 35.11 -0.40 13.60
C ALA A 495 34.34 -1.66 13.25
N GLN A 496 33.82 -2.33 14.28
CA GLN A 496 33.05 -3.55 14.08
C GLN A 496 31.98 -3.70 15.16
N GLY A 497 30.78 -4.06 14.73
CA GLY A 497 29.69 -4.32 15.64
C GLY A 497 28.92 -3.07 16.01
N ALA A 498 27.65 -3.26 16.36
CA ALA A 498 26.81 -2.15 16.83
C ALA A 498 27.33 -1.59 18.15
N ASP A 499 28.11 -2.41 18.87
CA ASP A 499 28.65 -2.00 20.16
C ASP A 499 29.59 -0.79 20.07
N SER A 500 30.23 -0.63 18.92
CA SER A 500 31.28 0.38 18.75
C SER A 500 30.76 1.74 18.30
N VAL A 501 29.45 1.81 18.02
CA VAL A 501 28.87 3.02 17.47
C VAL A 501 28.85 4.17 18.47
N GLU A 502 28.03 4.03 19.51
CA GLU A 502 27.82 5.11 20.49
C GLU A 502 29.12 5.66 21.07
N PRO A 503 30.05 4.79 21.47
CA PRO A 503 31.32 5.35 21.96
C PRO A 503 32.08 6.12 20.87
N MET A 504 32.09 5.60 19.64
CA MET A 504 32.77 6.28 18.55
C MET A 504 32.13 7.64 18.29
N PHE A 505 30.81 7.70 18.41
CA PHE A 505 30.08 8.92 18.11
C PHE A 505 30.17 9.95 19.24
N ARG A 506 30.11 9.47 20.47
CA ARG A 506 30.26 10.36 21.63
C ARG A 506 31.63 11.01 21.59
N HIS A 507 32.63 10.23 21.18
CA HIS A 507 33.99 10.72 21.03
C HIS A 507 34.02 11.88 20.05
N LEU A 508 33.55 11.61 18.83
CA LEU A 508 33.54 12.60 17.75
C LEU A 508 32.93 13.93 18.19
N LYS A 509 31.77 13.87 18.84
CA LYS A 509 31.06 15.07 19.26
C LYS A 509 31.85 15.84 20.31
N ASN A 510 32.53 15.12 21.20
CA ASN A 510 33.28 15.74 22.27
C ASN A 510 34.60 16.36 21.80
N THR A 511 35.08 15.90 20.66
CA THR A 511 36.45 16.21 20.23
C THR A 511 36.52 17.31 19.16
N TYR A 512 35.71 17.18 18.12
CA TYR A 512 35.83 18.04 16.94
C TYR A 512 34.74 19.10 16.88
N ALA A 513 35.11 20.31 17.27
CA ALA A 513 34.19 21.44 17.30
C ALA A 513 33.72 21.80 15.91
N GLY A 514 32.42 22.09 15.78
CA GLY A 514 31.84 22.48 14.53
C GLY A 514 31.67 21.31 13.58
N LEU A 515 31.63 20.10 14.12
CA LEU A 515 31.44 18.91 13.31
C LEU A 515 30.08 18.94 12.62
N GLN A 516 30.07 18.70 11.31
CA GLN A 516 28.88 18.85 10.48
C GLN A 516 28.25 17.53 10.09
N LEU A 517 29.08 16.53 9.83
CA LEU A 517 28.61 15.28 9.24
C LEU A 517 29.52 14.10 9.55
N VAL A 518 28.91 12.92 9.71
CA VAL A 518 29.66 11.68 9.78
C VAL A 518 29.19 10.74 8.66
N VAL A 519 30.12 10.35 7.80
CA VAL A 519 29.84 9.39 6.74
C VAL A 519 30.17 7.99 7.25
N VAL A 520 29.23 7.07 7.08
CA VAL A 520 29.35 5.73 7.65
C VAL A 520 29.25 4.64 6.58
N ILE A 521 30.34 3.90 6.38
CA ILE A 521 30.36 2.82 5.40
C ILE A 521 29.92 1.50 6.04
N LEU A 522 28.92 0.86 5.43
CA LEU A 522 28.37 -0.39 5.96
C LEU A 522 28.57 -1.55 4.99
N PRO A 523 28.87 -2.74 5.52
CA PRO A 523 29.18 -3.91 4.69
C PRO A 523 28.01 -4.42 3.84
N GLY A 524 26.82 -3.88 4.08
CA GLY A 524 25.61 -4.35 3.42
C GLY A 524 24.48 -4.21 4.41
N LYS A 525 23.59 -5.19 4.45
CA LYS A 525 22.51 -5.21 5.43
C LYS A 525 23.04 -5.59 6.80
N THR A 526 22.83 -4.75 7.79
CA THR A 526 23.42 -4.95 9.11
C THR A 526 22.65 -4.24 10.20
N PRO A 527 22.64 -4.81 11.42
CA PRO A 527 21.98 -4.14 12.54
C PRO A 527 22.61 -2.79 12.88
N VAL A 528 23.84 -2.58 12.41
CA VAL A 528 24.55 -1.34 12.69
C VAL A 528 23.79 -0.14 12.16
N TYR A 529 23.17 -0.29 11.00
CA TYR A 529 22.44 0.81 10.39
C TYR A 529 21.40 1.37 11.35
N ALA A 530 20.54 0.49 11.86
CA ALA A 530 19.51 0.87 12.82
C ALA A 530 20.14 1.53 14.04
N GLU A 531 21.32 1.05 14.42
CA GLU A 531 22.03 1.57 15.58
C GLU A 531 22.60 2.96 15.31
N VAL A 532 23.22 3.12 14.14
CA VAL A 532 23.81 4.40 13.75
C VAL A 532 22.75 5.51 13.77
N LYS A 533 21.54 5.19 13.32
CA LYS A 533 20.46 6.18 13.27
C LYS A 533 19.85 6.43 14.65
N ARG A 534 19.84 5.42 15.51
CA ARG A 534 19.36 5.61 16.87
C ARG A 534 20.27 6.60 17.61
N VAL A 535 21.57 6.41 17.49
CA VAL A 535 22.53 7.26 18.19
C VAL A 535 22.56 8.65 17.58
N GLY A 536 22.61 8.71 16.25
CA GLY A 536 22.63 9.98 15.54
C GLY A 536 21.35 10.79 15.69
N ASP A 537 20.20 10.17 15.43
CA ASP A 537 18.94 10.91 15.39
C ASP A 537 18.40 11.22 16.78
N THR A 538 18.48 10.26 17.70
CA THR A 538 17.74 10.33 18.96
C THR A 538 18.61 10.54 20.21
N VAL A 539 19.85 10.06 20.19
CA VAL A 539 20.70 10.11 21.39
C VAL A 539 21.64 11.31 21.44
N LEU A 540 22.30 11.63 20.33
CA LEU A 540 23.34 12.66 20.30
C LEU A 540 23.03 13.83 19.37
N GLY A 541 22.10 13.63 18.45
CA GLY A 541 21.74 14.65 17.48
C GLY A 541 22.89 15.00 16.54
N MET A 542 23.29 14.03 15.73
CA MET A 542 24.40 14.22 14.81
C MET A 542 24.02 13.75 13.41
N ALA A 543 24.36 14.57 12.42
CA ALA A 543 24.10 14.22 11.02
C ALA A 543 24.94 13.04 10.59
N THR A 544 24.28 12.06 10.00
CA THR A 544 24.97 10.89 9.48
C THR A 544 24.48 10.58 8.08
N GLN A 545 25.40 10.09 7.25
CA GLN A 545 25.05 9.62 5.93
C GLN A 545 25.72 8.28 5.70
N CYS A 546 24.90 7.25 5.60
CA CYS A 546 25.40 5.90 5.37
C CYS A 546 25.53 5.60 3.89
N VAL A 547 26.51 4.76 3.56
CA VAL A 547 26.73 4.31 2.19
C VAL A 547 27.10 2.84 2.20
N GLN A 548 26.42 2.04 1.38
CA GLN A 548 26.78 0.63 1.25
C GLN A 548 28.21 0.52 0.73
N MET A 549 28.94 -0.45 1.24
CA MET A 549 30.34 -0.65 0.88
C MET A 549 30.54 -0.79 -0.63
N LYS A 550 29.64 -1.50 -1.29
CA LYS A 550 29.80 -1.77 -2.73
C LYS A 550 29.75 -0.48 -3.56
N ASN A 551 29.02 0.52 -3.06
CA ASN A 551 28.93 1.81 -3.73
C ASN A 551 30.10 2.72 -3.37
N VAL A 552 31.10 2.16 -2.68
CA VAL A 552 32.33 2.87 -2.35
C VAL A 552 33.46 2.28 -3.18
N GLN A 553 33.53 0.96 -3.21
CA GLN A 553 34.51 0.25 -4.02
C GLN A 553 34.38 0.68 -5.47
N ARG A 554 33.14 0.71 -5.96
CA ARG A 554 32.84 1.16 -7.31
C ARG A 554 31.82 2.29 -7.25
N THR A 555 32.23 3.48 -7.70
CA THR A 555 31.38 4.66 -7.66
C THR A 555 31.07 5.14 -9.08
N THR A 556 29.98 5.87 -9.22
CA THR A 556 29.58 6.44 -10.49
C THR A 556 29.10 7.88 -10.30
N PRO A 557 29.20 8.71 -11.35
CA PRO A 557 28.79 10.12 -11.20
C PRO A 557 27.32 10.32 -10.83
N GLN A 558 26.46 9.41 -11.25
CA GLN A 558 25.03 9.54 -10.94
C GLN A 558 24.79 9.25 -9.47
N THR A 559 25.39 8.16 -8.97
CA THR A 559 25.19 7.75 -7.60
C THR A 559 25.73 8.79 -6.62
N LEU A 560 26.91 9.33 -6.94
CA LEU A 560 27.54 10.32 -6.08
C LEU A 560 26.75 11.61 -6.06
N SER A 561 26.17 11.97 -7.21
CA SER A 561 25.38 13.18 -7.30
C SER A 561 24.14 13.05 -6.42
N ASN A 562 23.43 11.94 -6.56
CA ASN A 562 22.24 11.70 -5.75
C ASN A 562 22.60 11.71 -4.27
N LEU A 563 23.83 11.31 -3.96
CA LEU A 563 24.31 11.28 -2.58
C LEU A 563 24.49 12.69 -2.05
N CYS A 564 25.03 13.58 -2.88
CA CYS A 564 25.21 14.97 -2.47
C CYS A 564 23.87 15.66 -2.22
N LEU A 565 22.83 15.22 -2.92
CA LEU A 565 21.50 15.77 -2.70
C LEU A 565 21.07 15.54 -1.27
N LYS A 566 21.20 14.28 -0.83
CA LYS A 566 20.87 13.90 0.53
C LYS A 566 21.71 14.68 1.55
N ILE A 567 23.01 14.77 1.28
CA ILE A 567 23.94 15.39 2.22
C ILE A 567 23.68 16.87 2.40
N ASN A 568 23.55 17.59 1.29
CA ASN A 568 23.31 19.03 1.32
C ASN A 568 22.05 19.40 2.08
N VAL A 569 21.04 18.55 1.98
CA VAL A 569 19.79 18.77 2.69
C VAL A 569 19.95 18.48 4.19
N LYS A 570 20.62 17.37 4.51
CA LYS A 570 20.85 17.01 5.91
C LYS A 570 21.64 18.08 6.66
N LEU A 571 22.40 18.88 5.92
CA LEU A 571 23.23 19.93 6.51
C LEU A 571 22.63 21.32 6.31
N GLY A 572 21.33 21.36 5.96
CA GLY A 572 20.59 22.60 5.93
C GLY A 572 20.66 23.41 4.64
N GLY A 573 20.99 22.74 3.54
CA GLY A 573 21.09 23.41 2.26
C GLY A 573 19.79 23.34 1.46
N VAL A 574 19.68 24.18 0.45
CA VAL A 574 18.55 24.16 -0.48
C VAL A 574 19.05 23.70 -1.84
N ASN A 575 18.58 22.54 -2.29
CA ASN A 575 19.05 21.94 -3.53
C ASN A 575 18.61 22.75 -4.74
N ASN A 576 17.30 22.99 -4.83
CA ASN A 576 16.75 23.87 -5.85
C ASN A 576 15.43 24.46 -5.34
N ILE A 577 14.82 25.33 -6.15
CA ILE A 577 13.49 25.80 -5.85
C ILE A 577 12.68 25.87 -7.13
N LEU A 578 11.36 25.91 -6.97
CA LEU A 578 10.48 26.18 -8.10
C LEU A 578 10.77 27.59 -8.58
N LEU A 579 10.79 27.77 -9.91
CA LEU A 579 10.90 29.10 -10.49
C LEU A 579 9.85 29.99 -9.83
N PRO A 580 10.28 30.97 -9.03
CA PRO A 580 9.35 31.77 -8.23
C PRO A 580 8.16 32.34 -9.01
N GLN A 581 8.41 32.98 -10.15
CA GLN A 581 7.36 33.63 -10.91
C GLN A 581 6.49 32.63 -11.70
N GLY A 582 6.81 31.34 -11.57
CA GLY A 582 6.08 30.29 -12.25
C GLY A 582 5.12 29.53 -11.34
N ARG A 583 5.03 29.95 -10.08
CA ARG A 583 4.16 29.32 -9.12
C ARG A 583 2.72 29.81 -9.22
N PRO A 584 1.75 29.00 -8.74
CA PRO A 584 0.36 29.48 -8.71
C PRO A 584 0.16 30.64 -7.73
N PRO A 585 -0.95 31.39 -7.88
CA PRO A 585 -1.19 32.63 -7.12
C PRO A 585 -1.23 32.44 -5.61
N VAL A 586 -1.40 31.21 -5.15
CA VAL A 586 -1.56 30.97 -3.71
C VAL A 586 -0.30 31.37 -2.92
N PHE A 587 0.84 31.37 -3.58
CA PHE A 587 2.10 31.73 -2.93
C PHE A 587 2.23 33.25 -2.68
N GLN A 588 1.18 34.01 -2.97
CA GLN A 588 1.22 35.45 -2.78
C GLN A 588 0.98 35.83 -1.33
N GLN A 589 0.43 34.89 -0.56
CA GLN A 589 0.29 35.02 0.87
C GLN A 589 1.05 33.89 1.56
N PRO A 590 1.39 34.07 2.85
CA PRO A 590 2.07 32.98 3.56
C PRO A 590 1.23 31.70 3.59
N VAL A 591 1.84 30.59 3.19
CA VAL A 591 1.17 29.30 3.13
C VAL A 591 2.10 28.18 3.60
N ILE A 592 1.57 27.29 4.43
CA ILE A 592 2.30 26.11 4.87
C ILE A 592 1.74 24.87 4.20
N PHE A 593 2.63 23.93 3.84
CA PHE A 593 2.23 22.72 3.17
C PHE A 593 2.48 21.52 4.07
N LEU A 594 1.39 20.89 4.49
CA LEU A 594 1.45 19.74 5.37
C LEU A 594 1.32 18.44 4.59
N GLY A 595 2.13 17.46 4.97
CA GLY A 595 2.00 16.10 4.47
C GLY A 595 1.82 15.17 5.67
N ALA A 596 0.97 14.15 5.52
CA ALA A 596 0.68 13.25 6.63
C ALA A 596 0.40 11.82 6.17
N ASP A 597 0.86 10.86 6.95
CA ASP A 597 0.69 9.45 6.63
C ASP A 597 0.70 8.58 7.88
N VAL A 598 -0.03 7.47 7.83
CA VAL A 598 0.08 6.42 8.83
C VAL A 598 0.64 5.16 8.18
N THR A 599 1.49 4.44 8.91
CA THR A 599 2.08 3.19 8.44
C THR A 599 1.79 2.10 9.44
N HIS A 600 1.09 1.07 9.00
CA HIS A 600 0.64 0.00 9.87
C HIS A 600 1.56 -1.21 9.79
N PRO A 601 1.59 -2.04 10.84
CA PRO A 601 2.51 -3.18 10.86
C PRO A 601 2.17 -4.21 9.77
N PRO A 602 3.13 -5.08 9.42
CA PRO A 602 2.94 -6.12 8.38
C PRO A 602 1.77 -7.06 8.66
N ALA A 603 1.37 -7.80 7.63
CA ALA A 603 0.30 -8.78 7.77
C ALA A 603 0.64 -9.83 8.81
N GLY A 604 -0.33 -10.16 9.65
CA GLY A 604 -0.19 -11.24 10.61
C GLY A 604 0.27 -10.78 11.97
N ASP A 605 0.94 -9.64 12.04
CA ASP A 605 1.40 -9.10 13.30
C ASP A 605 0.21 -8.65 14.14
N GLY A 606 0.36 -8.74 15.45
CA GLY A 606 -0.76 -8.56 16.36
C GLY A 606 -0.69 -7.39 17.33
N LYS A 607 0.51 -6.91 17.64
CA LYS A 607 0.67 -5.97 18.74
C LYS A 607 1.52 -4.73 18.41
N LYS A 608 2.19 -4.72 17.26
CA LYS A 608 3.01 -3.57 16.91
C LYS A 608 2.15 -2.33 16.71
N PRO A 609 2.71 -1.15 17.04
CA PRO A 609 1.96 0.09 16.86
C PRO A 609 1.89 0.55 15.42
N SER A 610 0.91 1.38 15.10
CA SER A 610 0.91 2.13 13.85
C SER A 610 1.64 3.44 14.08
N ILE A 611 2.22 4.00 13.03
CA ILE A 611 3.03 5.21 13.15
C ILE A 611 2.51 6.36 12.29
N ALA A 612 2.15 7.46 12.94
CA ALA A 612 1.70 8.65 12.24
C ALA A 612 2.85 9.64 12.09
N ALA A 613 2.93 10.28 10.93
CA ALA A 613 3.98 11.25 10.64
C ALA A 613 3.37 12.47 9.99
N VAL A 614 3.83 13.65 10.39
CA VAL A 614 3.39 14.91 9.78
C VAL A 614 4.57 15.84 9.57
N VAL A 615 4.73 16.30 8.33
CA VAL A 615 5.76 17.29 7.99
C VAL A 615 5.11 18.58 7.53
N GLY A 616 5.84 19.69 7.71
CA GLY A 616 5.35 21.01 7.33
C GLY A 616 6.44 21.83 6.67
N SER A 617 6.09 22.52 5.59
CA SER A 617 7.03 23.37 4.87
C SER A 617 7.47 24.54 5.74
N MET A 618 8.75 24.90 5.65
CA MET A 618 9.34 25.89 6.55
C MET A 618 9.84 27.15 5.85
N ASP A 619 9.61 27.23 4.54
CA ASP A 619 9.93 28.45 3.79
C ASP A 619 8.90 28.67 2.68
N ALA A 620 9.13 29.72 1.89
CA ALA A 620 8.16 30.17 0.90
C ALA A 620 8.47 29.64 -0.50
N HIS A 621 9.31 28.62 -0.60
CA HIS A 621 9.79 28.15 -1.89
C HIS A 621 8.83 27.22 -2.63
N PRO A 622 8.33 26.17 -1.95
CA PRO A 622 8.61 25.61 -0.64
C PRO A 622 9.66 24.51 -0.75
N ASN A 623 10.58 24.41 0.22
CA ASN A 623 11.64 23.42 0.13
C ASN A 623 11.99 22.76 1.46
N ARG A 624 12.20 23.56 2.50
CA ARG A 624 12.59 23.02 3.80
C ARG A 624 11.38 22.51 4.59
N TYR A 625 11.54 21.34 5.20
CA TYR A 625 10.49 20.70 5.97
C TYR A 625 10.98 20.27 7.34
N CYS A 626 10.13 20.43 8.34
CA CYS A 626 10.34 19.85 9.66
C CYS A 626 9.33 18.73 9.84
N ALA A 627 9.61 17.81 10.77
CA ALA A 627 8.81 16.61 10.91
C ALA A 627 8.35 16.41 12.35
N THR A 628 7.24 15.69 12.48
CA THR A 628 6.76 15.22 13.77
C THR A 628 6.36 13.76 13.58
N VAL A 629 6.35 13.00 14.67
CA VAL A 629 6.08 11.57 14.57
C VAL A 629 5.56 11.00 15.89
N ARG A 630 4.66 10.02 15.78
CA ARG A 630 3.99 9.45 16.95
C ARG A 630 3.75 7.96 16.76
N VAL A 631 3.80 7.23 17.86
CA VAL A 631 3.26 5.87 17.90
C VAL A 631 1.80 5.99 18.31
N GLN A 632 0.95 5.12 17.78
CA GLN A 632 -0.45 5.12 18.20
C GLN A 632 -1.06 3.74 18.04
N GLN A 633 -2.34 3.62 18.39
CA GLN A 633 -3.03 2.33 18.43
C GLN A 633 -2.77 1.46 17.21
N HIS A 634 -2.58 0.17 17.49
CA HIS A 634 -2.44 -0.87 16.46
C HIS A 634 -3.52 -0.76 15.39
N ARG A 635 -3.09 -0.41 14.18
CA ARG A 635 -3.98 -0.37 13.02
C ARG A 635 -5.11 0.65 13.16
N GLN A 636 -4.75 1.87 13.58
CA GLN A 636 -5.66 3.01 13.52
C GLN A 636 -5.18 4.01 12.48
N GLU A 637 -6.04 4.32 11.51
CA GLU A 637 -5.66 5.23 10.44
C GLU A 637 -5.76 6.68 10.91
N ILE A 638 -6.73 6.96 11.78
CA ILE A 638 -6.90 8.30 12.31
C ILE A 638 -5.67 8.72 13.10
N ILE A 639 -5.08 9.86 12.74
CA ILE A 639 -3.92 10.38 13.47
C ILE A 639 -4.37 10.98 14.79
N GLN A 640 -4.03 10.30 15.89
CA GLN A 640 -4.63 10.59 17.18
C GLN A 640 -4.13 11.90 17.78
N ASP A 641 -2.84 12.13 17.72
CA ASP A 641 -2.23 13.29 18.37
C ASP A 641 -1.90 14.38 17.34
N LEU A 642 -2.77 14.56 16.35
CA LEU A 642 -2.50 15.47 15.25
C LEU A 642 -2.40 16.93 15.67
N ALA A 643 -3.35 17.38 16.49
CA ALA A 643 -3.41 18.78 16.90
C ALA A 643 -2.09 19.24 17.51
N ALA A 644 -1.49 18.38 18.34
CA ALA A 644 -0.21 18.69 18.96
C ALA A 644 0.89 18.76 17.90
N MET A 645 0.80 17.89 16.91
CA MET A 645 1.79 17.81 15.86
C MET A 645 1.74 19.06 14.96
N VAL A 646 0.54 19.54 14.67
CA VAL A 646 0.35 20.71 13.80
C VAL A 646 0.78 21.99 14.51
N ARG A 647 0.46 22.08 15.80
CA ARG A 647 0.89 23.20 16.63
C ARG A 647 2.41 23.31 16.64
N GLU A 648 3.08 22.17 16.82
CA GLU A 648 4.53 22.11 16.80
C GLU A 648 5.06 22.71 15.50
N LEU A 649 4.44 22.33 14.40
CA LEU A 649 4.90 22.75 13.08
C LEU A 649 4.60 24.22 12.81
N LEU A 650 3.43 24.68 13.23
CA LEU A 650 3.05 26.08 13.03
C LEU A 650 4.03 27.01 13.72
N ILE A 651 4.45 26.62 14.92
CA ILE A 651 5.39 27.43 15.70
C ILE A 651 6.73 27.49 14.98
N GLN A 652 7.17 26.36 14.46
CA GLN A 652 8.46 26.29 13.80
C GLN A 652 8.44 27.06 12.49
N PHE A 653 7.27 27.09 11.85
CA PHE A 653 7.08 27.85 10.63
C PHE A 653 7.26 29.34 10.91
N TYR A 654 6.72 29.78 12.05
CA TYR A 654 6.79 31.18 12.42
C TYR A 654 8.22 31.59 12.81
N LYS A 655 8.91 30.72 13.53
CA LYS A 655 10.29 31.02 13.93
C LYS A 655 11.21 31.05 12.71
N SER A 656 10.82 30.32 11.67
CA SER A 656 11.61 30.23 10.44
C SER A 656 11.33 31.40 9.51
N THR A 657 10.04 31.62 9.22
CA THR A 657 9.64 32.57 8.20
C THR A 657 9.20 33.92 8.79
N ARG A 658 8.89 33.92 10.09
CA ARG A 658 8.30 35.07 10.76
C ARG A 658 6.99 35.49 10.09
N PHE A 659 6.32 34.51 9.49
CA PHE A 659 4.96 34.68 8.95
C PHE A 659 4.03 33.70 9.65
N LYS A 660 2.75 34.07 9.72
CA LYS A 660 1.72 33.13 10.14
C LYS A 660 0.96 32.68 8.90
N PRO A 661 0.84 31.35 8.70
CA PRO A 661 0.14 30.91 7.49
C PRO A 661 -1.30 31.43 7.43
N THR A 662 -1.66 32.01 6.30
CA THR A 662 -3.04 32.44 6.05
C THR A 662 -3.87 31.28 5.51
N ARG A 663 -3.17 30.27 4.99
CA ARG A 663 -3.80 29.06 4.46
C ARG A 663 -2.97 27.84 4.84
N ILE A 664 -3.64 26.70 5.02
CA ILE A 664 -2.97 25.43 5.29
C ILE A 664 -3.39 24.39 4.25
N ILE A 665 -2.41 23.84 3.55
CA ILE A 665 -2.65 22.81 2.55
C ILE A 665 -2.25 21.46 3.11
N PHE A 666 -3.25 20.60 3.30
CA PHE A 666 -3.06 19.33 3.98
C PHE A 666 -3.17 18.17 3.01
N TYR A 667 -2.05 17.52 2.73
CA TYR A 667 -2.04 16.31 1.90
C TYR A 667 -2.00 15.06 2.76
N ARG A 668 -3.09 14.29 2.73
CA ARG A 668 -3.29 13.14 3.61
C ARG A 668 -3.24 11.82 2.84
N ASP A 669 -2.16 11.07 3.00
CA ASP A 669 -1.97 9.83 2.24
C ASP A 669 -2.70 8.62 2.83
N GLY A 670 -3.30 7.83 1.96
CA GLY A 670 -3.69 6.46 2.27
C GLY A 670 -5.10 6.17 2.75
N VAL A 671 -5.91 7.20 2.96
CA VAL A 671 -7.28 6.99 3.43
C VAL A 671 -8.19 6.51 2.31
N SER A 672 -9.02 5.51 2.60
CA SER A 672 -9.97 5.00 1.62
C SER A 672 -11.29 5.76 1.69
N GLU A 673 -12.08 5.66 0.64
CA GLU A 673 -13.39 6.31 0.58
C GLU A 673 -14.26 5.92 1.78
N GLY A 674 -14.14 4.67 2.21
CA GLY A 674 -14.93 4.16 3.32
C GLY A 674 -14.64 4.85 4.64
N GLN A 675 -13.50 5.54 4.70
CA GLN A 675 -13.04 6.18 5.93
C GLN A 675 -12.91 7.70 5.80
N PHE A 676 -13.49 8.27 4.74
CA PHE A 676 -13.33 9.69 4.49
C PHE A 676 -13.98 10.57 5.57
N GLN A 677 -15.22 10.25 5.98
CA GLN A 677 -15.91 11.09 6.94
C GLN A 677 -15.24 11.02 8.31
N GLN A 678 -14.90 9.81 8.76
CA GLN A 678 -14.32 9.62 10.08
C GLN A 678 -13.01 10.40 10.22
N VAL A 679 -12.12 10.21 9.25
CA VAL A 679 -10.81 10.87 9.24
C VAL A 679 -10.94 12.39 9.17
N LEU A 680 -11.75 12.87 8.22
CA LEU A 680 -11.94 14.31 8.06
C LEU A 680 -12.53 14.92 9.33
N HIS A 681 -13.52 14.26 9.91
CA HIS A 681 -14.18 14.74 11.12
C HIS A 681 -13.17 14.97 12.25
N HIS A 682 -12.26 14.03 12.44
CA HIS A 682 -11.29 14.12 13.52
C HIS A 682 -10.11 15.00 13.16
N GLU A 683 -9.58 14.82 11.95
CA GLU A 683 -8.32 15.46 11.56
C GLU A 683 -8.50 16.91 11.12
N LEU A 684 -9.66 17.27 10.59
CA LEU A 684 -9.91 18.65 10.22
C LEU A 684 -10.08 19.50 11.48
N LEU A 685 -10.84 18.99 12.44
CA LEU A 685 -11.04 19.68 13.71
C LEU A 685 -9.75 19.80 14.49
N ALA A 686 -8.89 18.80 14.36
CA ALA A 686 -7.60 18.81 15.05
C ALA A 686 -6.74 19.97 14.56
N ILE A 687 -6.79 20.23 13.27
CA ILE A 687 -6.05 21.34 12.69
C ILE A 687 -6.60 22.68 13.17
N ARG A 688 -7.93 22.78 13.28
CA ARG A 688 -8.55 23.98 13.80
C ARG A 688 -8.18 24.18 15.26
N GLU A 689 -8.25 23.11 16.05
CA GLU A 689 -7.90 23.15 17.46
C GLU A 689 -6.48 23.70 17.62
N ALA A 690 -5.58 23.26 16.74
CA ALA A 690 -4.20 23.72 16.77
C ALA A 690 -4.16 25.24 16.58
N CYS A 691 -4.85 25.71 15.55
CA CYS A 691 -4.88 27.13 15.24
C CYS A 691 -5.49 27.96 16.38
N ILE A 692 -6.57 27.47 16.95
CA ILE A 692 -7.31 28.23 17.96
C ILE A 692 -6.54 28.32 19.29
N LYS A 693 -5.85 27.24 19.65
CA LYS A 693 -5.11 27.21 20.91
C LYS A 693 -3.77 27.93 20.78
N LEU A 694 -3.41 28.30 19.56
CA LEU A 694 -2.19 29.08 19.32
C LEU A 694 -2.45 30.56 19.54
N GLU A 695 -3.41 31.10 18.81
CA GLU A 695 -3.75 32.51 18.87
C GLU A 695 -5.25 32.70 18.72
N LYS A 696 -5.80 33.66 19.46
CA LYS A 696 -7.22 33.93 19.39
C LYS A 696 -7.56 34.49 18.01
N ASP A 697 -8.64 33.95 17.42
CA ASP A 697 -9.11 34.38 16.11
C ASP A 697 -8.03 34.21 15.04
N TYR A 698 -7.19 33.19 15.21
CA TYR A 698 -6.29 32.77 14.14
C TYR A 698 -6.98 31.64 13.38
N GLN A 699 -7.63 31.99 12.28
CA GLN A 699 -8.41 31.02 11.51
C GLN A 699 -7.99 31.02 10.05
N PRO A 700 -6.90 30.30 9.73
CA PRO A 700 -6.47 30.13 8.34
C PRO A 700 -7.36 29.15 7.60
N GLY A 701 -7.47 29.34 6.28
CA GLY A 701 -8.25 28.43 5.47
C GLY A 701 -7.57 27.08 5.37
N ILE A 702 -8.35 26.02 5.48
CA ILE A 702 -7.83 24.66 5.36
C ILE A 702 -8.28 24.03 4.06
N THR A 703 -7.32 23.49 3.33
CA THR A 703 -7.59 22.61 2.19
C THR A 703 -7.14 21.21 2.58
N PHE A 704 -8.10 20.28 2.60
CA PHE A 704 -7.86 18.91 3.03
C PHE A 704 -7.95 17.98 1.83
N ILE A 705 -6.81 17.39 1.47
CA ILE A 705 -6.71 16.53 0.29
C ILE A 705 -6.22 15.12 0.65
N VAL A 706 -7.00 14.11 0.30
CA VAL A 706 -6.59 12.72 0.46
C VAL A 706 -5.86 12.26 -0.81
N VAL A 707 -4.70 11.65 -0.60
CA VAL A 707 -3.88 11.10 -1.69
C VAL A 707 -3.92 9.57 -1.68
N GLN A 708 -4.45 8.98 -2.75
CA GLN A 708 -4.48 7.53 -2.89
C GLN A 708 -3.61 7.09 -4.06
N LYS A 709 -2.50 6.43 -3.72
CA LYS A 709 -1.61 5.88 -4.73
C LYS A 709 -1.99 4.45 -5.05
N ARG A 710 -2.67 3.80 -4.11
CA ARG A 710 -3.03 2.39 -4.26
C ARG A 710 -4.53 2.20 -4.43
N HIS A 711 -4.92 2.11 -5.69
CA HIS A 711 -6.29 1.81 -6.09
C HIS A 711 -6.18 0.97 -7.34
N HIS A 712 -7.28 0.83 -8.08
CA HIS A 712 -7.30 -0.09 -9.21
C HIS A 712 -7.67 0.59 -10.54
N THR A 713 -7.44 1.89 -10.61
CA THR A 713 -7.60 2.64 -11.85
C THR A 713 -6.29 2.67 -12.62
N ARG A 714 -6.33 2.22 -13.88
CA ARG A 714 -5.16 2.21 -14.75
C ARG A 714 -5.47 2.96 -16.05
N LEU A 715 -4.58 3.84 -16.47
CA LEU A 715 -4.78 4.63 -17.68
C LEU A 715 -3.76 4.24 -18.76
N PHE A 716 -4.25 4.14 -20.00
CA PHE A 716 -3.43 3.68 -21.11
C PHE A 716 -3.51 4.68 -22.25
N CYS A 717 -2.46 4.69 -23.08
CA CYS A 717 -2.47 5.49 -24.29
C CYS A 717 -3.29 4.80 -25.36
N THR A 718 -4.27 5.51 -25.89
CA THR A 718 -5.08 5.02 -26.99
C THR A 718 -4.23 4.95 -28.25
N ASP A 719 -3.46 6.01 -28.46
CA ASP A 719 -2.63 6.14 -29.64
C ASP A 719 -1.20 5.71 -29.33
N LYS A 720 -0.68 4.77 -30.12
CA LYS A 720 0.58 4.09 -29.81
C LYS A 720 1.80 5.01 -29.73
N ASN A 721 1.83 6.08 -30.53
CA ASN A 721 2.98 6.97 -30.52
C ASN A 721 2.91 8.04 -29.42
N GLU A 722 1.98 7.87 -28.49
CA GLU A 722 1.93 8.69 -27.28
C GLU A 722 2.63 7.98 -26.12
N ARG A 723 2.71 6.66 -26.22
CA ARG A 723 3.36 5.83 -25.21
C ARG A 723 4.80 6.26 -24.98
N VAL A 724 5.27 6.12 -23.75
CA VAL A 724 6.61 6.58 -23.38
C VAL A 724 7.46 5.42 -22.88
N GLY A 725 8.58 5.18 -23.55
CA GLY A 725 9.56 4.22 -23.08
C GLY A 725 9.23 2.76 -23.35
N LYS A 726 10.10 1.90 -22.84
CA LYS A 726 9.98 0.45 -22.98
C LYS A 726 8.70 -0.07 -22.36
N SER A 727 8.29 0.52 -21.25
CA SER A 727 7.07 0.09 -20.55
C SER A 727 5.81 0.58 -21.26
N GLY A 728 5.94 1.61 -22.08
CA GLY A 728 4.84 2.10 -22.89
C GLY A 728 3.74 2.79 -22.10
N ASN A 729 4.14 3.66 -21.16
CA ASN A 729 3.18 4.32 -20.27
C ASN A 729 2.78 5.71 -20.74
N ILE A 730 1.70 6.23 -20.16
CA ILE A 730 1.29 7.61 -20.37
C ILE A 730 2.37 8.55 -19.82
N PRO A 731 2.47 9.76 -20.38
CA PRO A 731 3.54 10.68 -19.97
C PRO A 731 3.27 11.36 -18.64
N ALA A 732 4.35 11.75 -17.97
CA ALA A 732 4.25 12.50 -16.72
C ALA A 732 3.47 13.79 -16.92
N GLY A 733 2.59 14.07 -15.97
CA GLY A 733 1.75 15.26 -16.01
C GLY A 733 0.35 14.99 -16.53
N THR A 734 0.08 13.75 -16.92
CA THR A 734 -1.24 13.38 -17.43
C THR A 734 -2.31 13.53 -16.35
N THR A 735 -3.38 14.24 -16.71
CA THR A 735 -4.42 14.61 -15.74
C THR A 735 -5.80 14.26 -16.24
N VAL A 736 -6.56 13.55 -15.41
CA VAL A 736 -7.92 13.15 -15.71
C VAL A 736 -8.86 13.57 -14.58
N ASP A 737 -9.68 14.58 -14.86
CA ASP A 737 -10.69 15.06 -13.92
C ASP A 737 -12.08 15.08 -14.56
N THR A 738 -12.31 14.15 -15.48
CA THR A 738 -13.61 14.03 -16.14
C THR A 738 -13.98 12.56 -16.39
N LYS A 739 -15.25 12.34 -16.74
CA LYS A 739 -15.74 11.06 -17.25
C LYS A 739 -15.74 9.93 -16.21
N ILE A 740 -14.57 9.59 -15.70
CA ILE A 740 -14.41 8.47 -14.76
C ILE A 740 -14.33 8.90 -13.30
N THR A 741 -14.28 10.21 -13.06
CA THR A 741 -14.15 10.76 -11.71
C THR A 741 -15.51 10.88 -11.04
N HIS A 742 -15.54 11.52 -9.87
CA HIS A 742 -16.75 11.55 -9.06
C HIS A 742 -17.83 12.48 -9.65
N PRO A 743 -19.11 12.08 -9.58
CA PRO A 743 -20.19 12.86 -10.21
C PRO A 743 -20.43 14.26 -9.62
N THR A 744 -20.18 14.45 -8.33
CA THR A 744 -20.47 15.74 -7.69
C THR A 744 -19.27 16.31 -6.95
N GLU A 745 -18.33 15.46 -6.55
CA GLU A 745 -17.26 15.89 -5.66
C GLU A 745 -15.99 16.28 -6.40
N PHE A 746 -15.04 16.85 -5.65
CA PHE A 746 -13.83 17.45 -6.21
C PHE A 746 -12.66 16.47 -6.14
N ASP A 747 -12.43 15.76 -7.23
CA ASP A 747 -11.36 14.76 -7.28
C ASP A 747 -10.76 14.66 -8.68
N PHE A 748 -9.55 14.16 -8.76
CA PHE A 748 -8.87 13.98 -10.04
C PHE A 748 -7.69 13.03 -9.96
N TYR A 749 -7.46 12.30 -11.05
CA TYR A 749 -6.25 11.50 -11.20
C TYR A 749 -5.15 12.37 -11.76
N LEU A 750 -3.97 12.31 -11.15
CA LEU A 750 -2.79 12.95 -11.70
C LEU A 750 -1.61 11.98 -11.66
N CYS A 751 -1.08 11.69 -12.83
CA CYS A 751 0.13 10.88 -12.95
C CYS A 751 1.29 11.81 -13.21
N SER A 752 2.03 12.11 -12.14
CA SER A 752 3.06 13.12 -12.18
C SER A 752 4.46 12.57 -12.46
N HIS A 753 4.57 11.25 -12.65
CA HIS A 753 5.88 10.63 -12.77
C HIS A 753 6.04 9.85 -14.07
N ALA A 754 7.30 9.72 -14.49
CA ALA A 754 7.65 8.86 -15.61
C ALA A 754 7.51 7.41 -15.18
N GLY A 755 6.94 6.59 -16.05
CA GLY A 755 6.76 5.18 -15.76
C GLY A 755 7.91 4.36 -16.34
N ILE A 756 8.87 4.01 -15.50
CA ILE A 756 10.03 3.25 -15.94
C ILE A 756 9.64 1.81 -16.30
N GLN A 757 8.96 1.15 -15.36
CA GLN A 757 8.65 -0.26 -15.49
C GLN A 757 7.19 -0.54 -15.14
N GLY A 758 6.66 -1.62 -15.68
CA GLY A 758 5.31 -2.04 -15.42
C GLY A 758 4.26 -1.06 -15.92
N THR A 759 3.16 -0.99 -15.19
CA THR A 759 2.08 -0.05 -15.49
C THR A 759 1.99 0.98 -14.37
N SER A 760 2.03 2.26 -14.73
CA SER A 760 2.04 3.33 -13.75
C SER A 760 0.74 3.39 -12.95
N ARG A 761 0.86 3.70 -11.66
CA ARG A 761 -0.29 4.02 -10.82
C ARG A 761 -0.52 5.52 -10.82
N PRO A 762 -1.58 5.98 -11.50
CA PRO A 762 -1.84 7.42 -11.39
C PRO A 762 -2.40 7.74 -10.02
N SER A 763 -1.84 8.72 -9.34
CA SER A 763 -2.30 9.03 -8.01
C SER A 763 -3.65 9.71 -8.11
N HIS A 764 -4.57 9.30 -7.24
CA HIS A 764 -5.86 9.94 -7.13
C HIS A 764 -5.86 10.94 -5.98
N TYR A 765 -6.33 12.15 -6.27
CA TYR A 765 -6.45 13.19 -5.26
C TYR A 765 -7.91 13.53 -5.06
N HIS A 766 -8.34 13.54 -3.80
CA HIS A 766 -9.73 13.83 -3.45
C HIS A 766 -9.78 14.90 -2.39
N VAL A 767 -10.54 15.96 -2.66
CA VAL A 767 -10.60 17.11 -1.77
C VAL A 767 -11.78 17.02 -0.82
N LEU A 768 -11.51 16.77 0.45
CA LEU A 768 -12.56 16.56 1.45
C LEU A 768 -13.00 17.87 2.10
N TRP A 769 -12.27 18.94 1.85
CA TRP A 769 -12.55 20.23 2.47
C TRP A 769 -11.69 21.32 1.87
N ASP A 770 -12.26 22.49 1.64
CA ASP A 770 -11.50 23.57 1.03
C ASP A 770 -12.07 24.96 1.34
N ASP A 771 -11.54 25.58 2.39
CA ASP A 771 -11.95 26.94 2.76
C ASP A 771 -11.46 27.95 1.73
N ASN A 772 -10.40 27.59 1.02
CA ASN A 772 -9.69 28.53 0.16
C ASN A 772 -10.26 28.64 -1.25
N ARG A 773 -11.26 27.83 -1.54
CA ARG A 773 -12.00 27.90 -2.79
C ARG A 773 -11.10 27.79 -4.02
N PHE A 774 -10.24 26.78 -4.03
CA PHE A 774 -9.39 26.50 -5.18
C PHE A 774 -10.22 26.20 -6.42
N SER A 775 -9.67 26.53 -7.59
CA SER A 775 -10.23 26.05 -8.85
C SER A 775 -9.46 24.81 -9.29
N SER A 776 -10.10 23.97 -10.10
CA SER A 776 -9.49 22.72 -10.56
C SER A 776 -8.10 22.95 -11.14
N ASP A 777 -7.97 24.01 -11.94
CA ASP A 777 -6.69 24.32 -12.56
C ASP A 777 -5.59 24.54 -11.51
N GLU A 778 -5.84 25.48 -10.60
CA GLU A 778 -4.81 25.89 -9.64
C GLU A 778 -4.38 24.75 -8.73
N LEU A 779 -5.32 23.89 -8.34
CA LEU A 779 -5.01 22.83 -7.40
C LEU A 779 -4.22 21.69 -8.07
N GLN A 780 -4.50 21.47 -9.34
CA GLN A 780 -3.82 20.41 -10.08
C GLN A 780 -2.40 20.85 -10.46
N ILE A 781 -2.23 22.12 -10.78
CA ILE A 781 -0.91 22.67 -11.07
C ILE A 781 -0.07 22.73 -9.80
N LEU A 782 -0.67 23.21 -8.73
CA LEU A 782 -0.05 23.24 -7.41
C LEU A 782 0.43 21.85 -7.00
N THR A 783 -0.46 20.87 -7.13
CA THR A 783 -0.14 19.50 -6.73
C THR A 783 0.94 18.93 -7.62
N TYR A 784 0.90 19.29 -8.90
CA TYR A 784 1.88 18.79 -9.85
C TYR A 784 3.25 19.40 -9.56
N GLN A 785 3.29 20.70 -9.28
CA GLN A 785 4.55 21.38 -9.02
C GLN A 785 5.23 20.85 -7.76
N LEU A 786 4.44 20.44 -6.77
CA LEU A 786 4.99 19.95 -5.51
C LEU A 786 5.63 18.57 -5.65
N CYS A 787 5.33 17.89 -6.76
CA CYS A 787 5.96 16.62 -7.09
C CYS A 787 7.37 16.83 -7.64
N HIS A 788 7.74 18.09 -7.84
CA HIS A 788 9.07 18.44 -8.33
C HIS A 788 9.98 18.97 -7.21
N THR A 789 9.39 19.21 -6.03
CA THR A 789 10.13 19.80 -4.93
C THR A 789 10.78 18.75 -4.00
N TYR A 790 10.84 17.51 -4.48
CA TYR A 790 11.32 16.37 -3.69
C TYR A 790 12.84 16.24 -3.80
N VAL A 791 13.53 16.48 -2.69
CA VAL A 791 14.97 16.74 -2.72
C VAL A 791 15.89 15.53 -2.95
N ARG A 792 15.37 14.31 -2.85
CA ARG A 792 16.22 13.12 -2.92
C ARG A 792 16.57 12.71 -4.36
N CYS A 793 16.03 13.43 -5.34
CA CYS A 793 16.31 13.15 -6.74
C CYS A 793 15.82 14.24 -7.68
N THR A 794 16.43 14.30 -8.86
CA THR A 794 16.04 15.28 -9.87
C THR A 794 14.95 14.71 -10.79
N ARG A 795 13.87 14.23 -10.19
CA ARG A 795 12.75 13.68 -10.95
C ARG A 795 11.43 14.23 -10.44
N SER A 796 10.37 13.94 -11.18
CA SER A 796 9.01 14.20 -10.71
C SER A 796 8.47 12.92 -10.07
N VAL A 797 8.24 12.97 -8.77
CA VAL A 797 7.80 11.79 -8.04
C VAL A 797 6.28 11.59 -8.17
N SER A 798 5.81 10.44 -7.71
CA SER A 798 4.43 10.02 -7.93
C SER A 798 3.43 10.68 -6.96
N ILE A 799 3.92 11.28 -5.89
CA ILE A 799 3.06 12.04 -4.98
C ILE A 799 3.80 13.28 -4.46
N PRO A 800 3.04 14.31 -4.02
CA PRO A 800 3.65 15.54 -3.50
C PRO A 800 4.70 15.28 -2.40
N ALA A 801 5.78 16.05 -2.47
CA ALA A 801 6.93 15.89 -1.58
C ALA A 801 6.53 15.84 -0.11
N PRO A 802 5.66 16.76 0.34
CA PRO A 802 5.28 16.70 1.76
C PRO A 802 4.78 15.33 2.19
N ALA A 803 3.95 14.71 1.36
CA ALA A 803 3.44 13.38 1.65
C ALA A 803 4.54 12.33 1.53
N TYR A 804 5.47 12.53 0.60
CA TYR A 804 6.55 11.58 0.41
C TYR A 804 7.46 11.62 1.64
N TYR A 805 7.71 12.81 2.17
CA TYR A 805 8.53 12.95 3.37
C TYR A 805 7.85 12.31 4.57
N ALA A 806 6.52 12.42 4.62
CA ALA A 806 5.76 11.81 5.68
C ALA A 806 5.98 10.30 5.71
N HIS A 807 6.15 9.71 4.54
CA HIS A 807 6.47 8.29 4.45
C HIS A 807 7.86 8.02 5.01
N LEU A 808 8.84 8.80 4.58
CA LEU A 808 10.22 8.62 5.00
C LEU A 808 10.36 8.80 6.52
N VAL A 809 9.56 9.71 7.08
CA VAL A 809 9.60 9.94 8.51
C VAL A 809 9.06 8.74 9.25
N ALA A 810 7.90 8.26 8.79
CA ALA A 810 7.28 7.09 9.40
C ALA A 810 8.24 5.89 9.37
N PHE A 811 8.80 5.63 8.20
CA PHE A 811 9.66 4.46 8.01
C PHE A 811 10.90 4.54 8.89
N ARG A 812 11.36 5.76 9.17
CA ARG A 812 12.54 5.94 10.02
C ARG A 812 12.18 5.64 11.47
N ALA A 813 10.98 6.05 11.86
CA ALA A 813 10.49 5.72 13.19
C ALA A 813 10.44 4.21 13.34
N ARG A 814 10.14 3.53 12.25
CA ARG A 814 10.03 2.07 12.27
C ARG A 814 11.42 1.47 12.52
N TYR A 815 12.46 2.17 12.08
CA TYR A 815 13.84 1.73 12.28
C TYR A 815 14.31 1.98 13.72
N HIS A 816 13.82 3.06 14.33
CA HIS A 816 14.12 3.35 15.72
C HIS A 816 13.51 2.30 16.64
N LEU A 817 12.42 1.69 16.18
CA LEU A 817 11.61 0.78 17.00
C LEU A 817 11.93 -0.70 16.78
N VAL A 818 12.92 -1.00 15.93
CA VAL A 818 13.20 -2.39 15.58
C VAL A 818 13.55 -3.20 16.84
N ASP A 819 12.85 -4.32 17.01
CA ASP A 819 13.04 -5.24 18.11
C ASP A 819 12.64 -4.62 19.47
N LYS A 820 12.18 -3.38 19.46
CA LYS A 820 11.62 -2.75 20.66
C LYS A 820 10.10 -2.79 20.65
N GLU A 821 9.54 -3.32 19.56
CA GLU A 821 8.10 -3.30 19.33
C GLU A 821 7.48 -4.67 19.58
N GLY A 836 -0.15 1.71 28.99
CA GLY A 836 0.28 2.96 29.59
C GLY A 836 1.79 3.08 29.60
N ARG A 837 2.44 2.11 30.24
CA ARG A 837 3.90 2.08 30.29
C ARG A 837 4.49 1.52 29.01
N ASP A 838 3.71 0.68 28.32
CA ASP A 838 4.08 0.19 27.00
C ASP A 838 4.25 1.33 26.03
N HIS A 839 3.30 2.27 26.07
CA HIS A 839 3.25 3.36 25.11
C HIS A 839 4.42 4.33 25.25
N GLN A 840 4.77 4.67 26.49
CA GLN A 840 5.76 5.71 26.74
C GLN A 840 7.17 5.27 26.36
N ALA A 841 7.43 3.97 26.46
CA ALA A 841 8.72 3.41 26.06
C ALA A 841 8.92 3.60 24.55
N LEU A 842 7.89 3.26 23.78
CA LEU A 842 7.97 3.36 22.33
C LEU A 842 7.94 4.82 21.90
N ALA A 843 7.17 5.62 22.62
CA ALA A 843 7.08 7.05 22.36
C ALA A 843 8.47 7.70 22.42
N LYS A 844 9.29 7.28 23.38
CA LYS A 844 10.62 7.85 23.55
C LYS A 844 11.61 7.33 22.51
N ALA A 845 11.37 6.11 22.03
CA ALA A 845 12.22 5.50 21.02
C ALA A 845 12.21 6.31 19.74
N VAL A 846 11.07 6.93 19.44
CA VAL A 846 10.89 7.69 18.20
C VAL A 846 11.09 9.20 18.40
N GLN A 847 11.36 9.61 19.63
CA GLN A 847 11.59 11.03 19.92
C GLN A 847 13.04 11.39 19.60
N VAL A 848 13.23 12.27 18.61
CA VAL A 848 14.57 12.64 18.19
C VAL A 848 15.18 13.69 19.12
N HIS A 849 16.51 13.72 19.14
CA HIS A 849 17.29 14.70 19.92
C HIS A 849 16.85 16.12 19.61
N GLN A 850 17.11 17.05 20.51
CA GLN A 850 16.65 18.43 20.32
C GLN A 850 17.32 19.10 19.12
N ASP A 851 18.56 18.71 18.85
CA ASP A 851 19.31 19.26 17.71
C ASP A 851 18.85 18.67 16.39
N THR A 852 18.10 17.56 16.46
CA THR A 852 17.58 16.89 15.27
C THR A 852 16.18 17.38 14.92
N LEU A 853 15.48 17.92 15.91
CA LEU A 853 14.08 18.31 15.76
C LEU A 853 13.81 19.17 14.53
N ARG A 854 14.70 20.10 14.24
CA ARG A 854 14.47 21.09 13.19
C ARG A 854 15.24 20.80 11.90
N THR A 855 15.79 19.60 11.79
CA THR A 855 16.51 19.19 10.58
C THR A 855 15.65 18.30 9.69
N MET A 856 16.18 17.97 8.52
CA MET A 856 15.59 16.98 7.64
C MET A 856 16.40 15.69 7.72
N TYR A 857 16.50 15.18 8.93
CA TYR A 857 17.23 13.95 9.23
C TYR A 857 16.71 12.74 8.45
N PHE A 858 15.49 12.87 7.93
CA PHE A 858 14.80 11.76 7.29
C PHE A 858 15.19 11.64 5.82
N ALA A 859 15.97 12.59 5.33
CA ALA A 859 16.35 12.63 3.92
C ALA A 859 17.12 11.37 3.50
#